data_4MSU
#
_entry.id   4MSU
#
_cell.length_a   148.427
_cell.length_b   148.427
_cell.length_c   132.069
_cell.angle_alpha   90.00
_cell.angle_beta   90.00
_cell.angle_gamma   120.00
#
_symmetry.space_group_name_H-M   'P 65'
#
loop_
_entity.id
_entity.type
_entity.pdbx_description
1 polymer 'Glucokinase regulatory protein'
2 non-polymer 1,1,1,3,3,3-hexafluoro-2-{4-[4-(thiophen-2-ylsulfonyl)piperazin-1-yl]phenyl}propan-2-ol
3 non-polymer D-SORBITOL-6-PHOSPHATE
4 non-polymer 'IODIDE ION'
5 non-polymer GLYCEROL
6 non-polymer 'SULFATE ION'
7 water water
#
_entity_poly.entity_id   1
_entity_poly.type   'polypeptide(L)'
_entity_poly.pdbx_seq_one_letter_code
;MHHHHHHDEVDMPGTKRFQHVIETPEPGKWELSGYEAAVPITEKSNPLTQDLDKADAENIVRLLGQCDAEIFQEEGQALS
TYQRLYSESILTTMVQVAGKVQEVLKEPDGGLVVLSGGGTSGRMAFLMSVSFNQLMKGLGQKPLYTYLIAGGDRSVVASR
EGTEDSALHGIEELKKVAAGKKRVIVIGISVGLSAPFVAGQMDCCMNNTAVFLPVLVGFNPVSMARNDPIEDWSSTFRQV
AERMQKMQEKQKAFVLNPAIGPEGLSGSSRMKGGSATKILLETLLLAAHKTVDQGIAASQRCLLEILRTFERAHQVTYSQ
SPKIATLMKSVSTSLEKKGHVYLVGWQTLGIIAIMDGVECIHTFGADFRDVRGFLIGDHSDMFNQKAELTNQGPQFTFSQ
EDFLTSILPSLTEIDTVVFIFTLDDNLTEVQTIVEQVKEKTNHIQALAHSTVGQTLPIPLKKLFPSIISITWPLLFFEYE
GNFIQKFQRELSTKWVLNTVSTGAHVLLGKILQNHMLDLRISNSKLFWRALAMLQRFSGQSKARCIESLLRAIHFPQPLS
DDIRAAPISCHVQVAHEKEQVIPIALLSLLFRCSITEAQAHLAAAPSVCEAVRSALAGPGQKRTADPLEILEPDVQ
;
_entity_poly.pdbx_strand_id   A,B
#
loop_
_chem_comp.id
_chem_comp.type
_chem_comp.name
_chem_comp.formula
2EU non-polymer 1,1,1,3,3,3-hexafluoro-2-{4-[4-(thiophen-2-ylsulfonyl)piperazin-1-yl]phenyl}propan-2-ol 'C17 H16 F6 N2 O3 S2'
GOL non-polymer GLYCEROL 'C3 H8 O3'
IOD non-polymer 'IODIDE ION' 'I -1'
S6P D-saccharide D-SORBITOL-6-PHOSPHATE 'C6 H15 O9 P'
SO4 non-polymer 'SULFATE ION' 'O4 S -2'
#
# COMPACT_ATOMS: atom_id res chain seq x y z
N MET A 12 14.38 18.32 -0.57
CA MET A 12 14.54 19.08 -1.84
C MET A 12 13.40 18.66 -2.78
N PRO A 13 13.30 19.28 -4.00
CA PRO A 13 12.35 18.81 -5.01
C PRO A 13 12.88 17.59 -5.80
N GLY A 14 12.06 16.55 -5.90
CA GLY A 14 12.50 15.28 -6.44
C GLY A 14 13.11 14.33 -5.42
N THR A 15 13.45 14.80 -4.22
CA THR A 15 14.13 13.92 -3.27
C THR A 15 13.32 12.62 -3.07
N LYS A 16 12.00 12.75 -2.91
CA LYS A 16 11.17 11.58 -2.60
C LYS A 16 10.99 10.63 -3.79
N ARG A 17 10.93 11.14 -5.01
CA ARG A 17 10.78 10.27 -6.20
C ARG A 17 11.98 9.33 -6.32
N PHE A 18 13.15 9.82 -5.92
CA PHE A 18 14.43 9.11 -6.12
C PHE A 18 15.02 8.54 -4.85
N GLN A 19 14.22 8.51 -3.78
CA GLN A 19 14.65 8.13 -2.41
C GLN A 19 15.17 6.70 -2.30
N HIS A 20 14.56 5.81 -3.06
CA HIS A 20 14.91 4.40 -3.07
C HIS A 20 16.20 4.10 -3.92
N VAL A 21 16.86 5.10 -4.46
CA VAL A 21 17.97 4.78 -5.30
C VAL A 21 19.16 4.80 -4.38
N ILE A 22 19.89 3.70 -4.31
CA ILE A 22 21.09 3.64 -3.50
C ILE A 22 22.15 4.51 -4.16
N GLU A 23 23.01 5.15 -3.35
CA GLU A 23 24.04 6.03 -3.87
C GLU A 23 25.10 5.22 -4.59
N THR A 24 25.83 5.91 -5.45
CA THR A 24 26.88 5.28 -6.22
C THR A 24 28.10 5.00 -5.36
N PRO A 25 28.48 3.74 -5.17
CA PRO A 25 29.64 3.45 -4.36
C PRO A 25 30.92 4.10 -4.85
N GLU A 26 31.88 4.31 -3.95
CA GLU A 26 33.19 4.81 -4.35
C GLU A 26 33.97 3.67 -4.99
N PRO A 27 34.83 3.98 -5.99
CA PRO A 27 35.52 2.91 -6.74
C PRO A 27 36.07 1.78 -5.86
N GLY A 28 35.89 0.53 -6.29
CA GLY A 28 36.36 -0.64 -5.53
C GLY A 28 35.45 -1.05 -4.39
N LYS A 29 34.43 -0.25 -4.08
CA LYS A 29 33.55 -0.56 -2.96
C LYS A 29 32.16 -0.99 -3.40
N TRP A 30 32.06 -1.53 -4.62
CA TRP A 30 30.76 -1.85 -5.20
C TRP A 30 30.15 -3.01 -4.43
N GLU A 31 30.99 -4.01 -4.19
CA GLU A 31 30.71 -5.10 -3.28
C GLU A 31 30.40 -4.71 -1.84
N LEU A 32 31.25 -3.86 -1.27
CA LEU A 32 31.31 -3.66 0.19
C LEU A 32 30.47 -2.51 0.77
N SER A 33 29.88 -1.69 -0.11
CA SER A 33 28.85 -0.74 0.31
C SER A 33 27.48 -1.43 0.48
N GLY A 34 27.37 -2.70 0.05
CA GLY A 34 26.11 -3.41 -0.01
C GLY A 34 25.22 -2.97 -1.17
N TYR A 35 25.81 -2.44 -2.23
CA TYR A 35 25.00 -2.01 -3.38
C TYR A 35 24.65 -3.26 -4.21
N GLU A 36 25.67 -4.02 -4.62
CA GLU A 36 25.39 -5.20 -5.42
C GLU A 36 24.36 -6.10 -4.79
N ALA A 37 24.31 -6.15 -3.46
CA ALA A 37 23.42 -7.12 -2.78
C ALA A 37 21.97 -6.66 -2.89
N ALA A 38 21.79 -5.35 -3.07
CA ALA A 38 20.50 -4.79 -3.33
C ALA A 38 19.97 -4.91 -4.79
N VAL A 39 20.84 -5.13 -5.78
CA VAL A 39 20.42 -5.20 -7.18
C VAL A 39 19.63 -6.47 -7.32
N PRO A 40 18.39 -6.39 -7.77
CA PRO A 40 17.62 -7.63 -7.97
C PRO A 40 18.30 -8.69 -8.86
N ILE A 41 18.10 -9.96 -8.54
CA ILE A 41 18.79 -10.98 -9.32
C ILE A 41 18.48 -10.85 -10.78
N THR A 42 17.25 -10.48 -11.09
CA THR A 42 16.81 -10.43 -12.45
C THR A 42 17.47 -9.34 -13.27
N GLU A 43 18.03 -8.34 -12.58
CA GLU A 43 18.74 -7.26 -13.26
C GLU A 43 20.24 -7.36 -13.22
N LYS A 44 20.83 -8.30 -12.49
CA LYS A 44 22.30 -8.32 -12.37
C LYS A 44 23.03 -8.55 -13.71
N SER A 45 24.30 -8.20 -13.72
CA SER A 45 25.21 -8.62 -14.77
C SER A 45 25.60 -10.08 -14.55
N ASN A 46 25.32 -10.96 -15.51
CA ASN A 46 25.77 -12.34 -15.34
C ASN A 46 27.30 -12.35 -15.55
N PRO A 47 28.09 -12.84 -14.56
CA PRO A 47 29.56 -12.87 -14.83
C PRO A 47 29.98 -13.72 -16.10
N LEU A 48 29.35 -14.86 -16.29
CA LEU A 48 29.50 -15.57 -17.54
C LEU A 48 29.51 -14.69 -18.83
N THR A 49 28.85 -13.53 -18.80
CA THR A 49 28.74 -12.74 -20.01
C THR A 49 29.45 -11.44 -19.94
N GLN A 50 30.38 -11.29 -19.00
CA GLN A 50 31.08 -10.01 -18.85
C GLN A 50 31.70 -9.54 -20.16
N ASP A 51 32.32 -10.47 -20.90
CA ASP A 51 32.98 -10.10 -22.16
C ASP A 51 32.19 -10.67 -23.37
N LEU A 52 30.87 -10.55 -23.33
CA LEU A 52 30.01 -11.08 -24.38
C LEU A 52 30.13 -10.27 -25.65
N ASP A 53 30.44 -8.98 -25.50
CA ASP A 53 30.59 -8.09 -26.67
C ASP A 53 31.83 -8.50 -27.50
N LYS A 54 32.61 -9.42 -26.96
CA LYS A 54 33.79 -9.93 -27.65
C LYS A 54 33.63 -11.38 -28.11
N ALA A 55 32.80 -12.16 -27.45
CA ALA A 55 32.55 -13.49 -27.91
C ALA A 55 32.22 -13.50 -29.40
N ASP A 56 32.78 -14.48 -30.11
CA ASP A 56 32.41 -14.76 -31.49
C ASP A 56 31.09 -15.60 -31.53
N ALA A 57 30.60 -15.91 -32.72
CA ALA A 57 29.27 -16.48 -32.80
C ALA A 57 29.14 -17.79 -32.04
N GLU A 58 30.23 -18.55 -31.88
CA GLU A 58 30.16 -19.89 -31.31
C GLU A 58 30.17 -19.85 -29.76
N ASN A 59 30.93 -18.90 -29.23
CA ASN A 59 30.92 -18.59 -27.81
C ASN A 59 29.61 -18.02 -27.30
N ILE A 60 29.14 -16.99 -27.99
CA ILE A 60 27.85 -16.42 -27.70
C ILE A 60 26.90 -17.58 -27.48
N VAL A 61 26.86 -18.55 -28.41
CA VAL A 61 25.92 -19.71 -28.30
C VAL A 61 26.23 -20.56 -27.07
N ARG A 62 27.50 -20.74 -26.79
CA ARG A 62 27.88 -21.47 -25.63
C ARG A 62 27.40 -20.68 -24.40
N LEU A 63 27.86 -19.43 -24.31
CA LEU A 63 27.62 -18.60 -23.14
C LEU A 63 26.13 -18.50 -22.80
N LEU A 64 25.29 -18.16 -23.77
CA LEU A 64 23.83 -18.16 -23.55
C LEU A 64 23.22 -19.56 -23.29
N GLY A 65 23.92 -20.61 -23.72
CA GLY A 65 23.54 -21.99 -23.41
C GLY A 65 23.79 -22.26 -21.96
N GLN A 66 24.93 -21.81 -21.46
CA GLN A 66 25.27 -21.83 -20.06
C GLN A 66 24.27 -21.05 -19.20
N CYS A 67 23.91 -19.83 -19.62
CA CYS A 67 23.02 -18.97 -18.81
C CYS A 67 21.66 -19.64 -18.67
N ASP A 68 21.05 -20.07 -19.79
CA ASP A 68 19.79 -20.85 -19.73
C ASP A 68 19.80 -22.12 -18.88
N ALA A 69 20.96 -22.70 -18.73
CA ALA A 69 21.09 -23.94 -17.99
C ALA A 69 20.88 -23.65 -16.51
N GLU A 70 21.28 -22.44 -16.10
CA GLU A 70 21.20 -22.03 -14.72
C GLU A 70 19.75 -22.15 -14.25
N ILE A 71 18.81 -22.19 -15.19
CA ILE A 71 17.43 -22.33 -14.81
C ILE A 71 17.24 -23.62 -14.01
N PHE A 72 18.12 -24.59 -14.21
CA PHE A 72 17.94 -25.99 -13.73
C PHE A 72 18.97 -26.35 -12.66
N GLN A 73 19.85 -25.41 -12.38
CA GLN A 73 20.88 -25.57 -11.41
C GLN A 73 20.25 -25.55 -10.02
N GLU A 74 20.76 -26.43 -9.15
CA GLU A 74 20.24 -26.58 -7.80
C GLU A 74 20.90 -25.66 -6.80
N GLU A 75 20.24 -25.57 -5.65
CA GLU A 75 20.65 -24.73 -4.54
C GLU A 75 21.93 -25.29 -3.92
N GLY A 76 22.90 -24.41 -3.65
CA GLY A 76 24.03 -24.71 -2.77
C GLY A 76 23.65 -24.70 -1.27
N GLN A 77 24.66 -24.62 -0.39
CA GLN A 77 24.45 -24.69 1.07
C GLN A 77 24.46 -23.32 1.76
N SER A 80 23.90 -20.68 3.20
CA SER A 80 23.08 -19.48 3.02
C SER A 80 22.98 -19.02 1.54
N THR A 81 21.77 -19.06 0.97
CA THR A 81 21.61 -18.91 -0.48
C THR A 81 20.15 -19.00 -0.93
N TYR A 82 19.84 -18.34 -2.06
CA TYR A 82 18.45 -18.27 -2.60
C TYR A 82 17.86 -19.61 -3.15
N GLN A 83 16.65 -19.95 -2.74
CA GLN A 83 15.99 -21.14 -3.24
C GLN A 83 15.90 -21.17 -4.81
N ARG A 84 15.82 -22.37 -5.39
CA ARG A 84 15.77 -22.53 -6.83
C ARG A 84 14.66 -23.45 -7.34
N LEU A 85 14.60 -23.63 -8.66
CA LEU A 85 13.54 -24.44 -9.26
C LEU A 85 13.33 -25.79 -8.61
N TYR A 86 14.45 -26.51 -8.34
CA TYR A 86 14.44 -27.82 -7.67
C TYR A 86 14.41 -27.81 -6.10
N SER A 87 14.44 -26.65 -5.44
CA SER A 87 14.41 -26.70 -3.95
C SER A 87 13.01 -27.19 -3.48
N GLU A 88 12.95 -27.79 -2.28
CA GLU A 88 11.70 -28.47 -1.86
C GLU A 88 10.61 -27.46 -1.48
N SER A 89 11.01 -26.25 -1.10
CA SER A 89 10.06 -25.18 -0.83
C SER A 89 9.37 -24.74 -2.11
N ILE A 90 10.13 -24.63 -3.20
CA ILE A 90 9.52 -24.32 -4.49
C ILE A 90 8.62 -25.45 -4.92
N LEU A 91 9.12 -26.68 -5.05
CA LEU A 91 8.31 -27.81 -5.58
C LEU A 91 7.07 -28.09 -4.77
N THR A 92 7.17 -27.98 -3.45
CA THR A 92 6.02 -28.10 -2.52
C THR A 92 4.96 -27.07 -2.86
N THR A 93 5.38 -25.84 -3.08
CA THR A 93 4.47 -24.79 -3.50
C THR A 93 3.85 -25.08 -4.84
N MET A 94 4.61 -25.66 -5.76
CA MET A 94 4.03 -26.04 -7.02
C MET A 94 2.99 -27.14 -6.78
N VAL A 95 3.22 -27.97 -5.77
CA VAL A 95 2.29 -29.08 -5.47
C VAL A 95 0.96 -28.50 -5.01
N GLN A 96 1.01 -27.80 -3.88
CA GLN A 96 -0.12 -27.01 -3.37
C GLN A 96 -0.94 -26.24 -4.43
N VAL A 97 -0.28 -25.68 -5.44
CA VAL A 97 -0.96 -24.88 -6.48
C VAL A 97 -1.64 -25.77 -7.48
N ALA A 98 -0.91 -26.75 -8.01
CA ALA A 98 -1.51 -27.82 -8.82
C ALA A 98 -2.80 -28.27 -8.15
N GLY A 99 -2.69 -28.52 -6.85
CA GLY A 99 -3.82 -28.87 -6.01
C GLY A 99 -5.00 -27.94 -6.09
N LYS A 100 -4.74 -26.63 -6.09
CA LYS A 100 -5.87 -25.67 -6.04
C LYS A 100 -6.44 -25.55 -7.42
N VAL A 101 -5.62 -25.77 -8.44
CA VAL A 101 -6.14 -25.83 -9.80
C VAL A 101 -7.08 -27.02 -9.91
N GLN A 102 -6.85 -28.06 -9.12
CA GLN A 102 -7.75 -29.21 -9.14
C GLN A 102 -9.15 -28.82 -8.72
N GLU A 103 -9.33 -28.40 -7.47
CA GLU A 103 -10.67 -27.97 -6.99
C GLU A 103 -11.51 -27.36 -8.12
N VAL A 104 -10.88 -26.46 -8.87
CA VAL A 104 -11.55 -25.69 -9.89
C VAL A 104 -11.93 -26.55 -11.05
N LEU A 105 -11.01 -27.39 -11.49
CA LEU A 105 -11.28 -28.36 -12.54
C LEU A 105 -12.48 -29.32 -12.22
N LYS A 106 -12.74 -29.56 -10.93
CA LYS A 106 -13.91 -30.33 -10.47
C LYS A 106 -15.19 -29.52 -10.47
N GLU A 107 -15.07 -28.20 -10.48
CA GLU A 107 -16.25 -27.37 -10.48
C GLU A 107 -16.19 -26.38 -11.67
N PRO A 108 -16.17 -26.91 -12.91
CA PRO A 108 -16.01 -26.00 -14.08
C PRO A 108 -17.09 -24.90 -14.23
N ASP A 109 -18.19 -25.01 -13.48
CA ASP A 109 -19.25 -24.01 -13.50
C ASP A 109 -18.94 -22.91 -12.48
N GLY A 110 -18.76 -21.71 -13.01
CA GLY A 110 -18.37 -20.56 -12.20
C GLY A 110 -16.88 -20.54 -11.91
N GLY A 111 -16.12 -21.28 -12.71
CA GLY A 111 -14.72 -21.49 -12.45
C GLY A 111 -13.98 -20.78 -13.54
N LEU A 112 -12.80 -20.25 -13.23
CA LEU A 112 -11.92 -19.66 -14.25
C LEU A 112 -10.46 -19.64 -13.77
N VAL A 113 -9.54 -19.63 -14.71
CA VAL A 113 -8.11 -19.59 -14.39
C VAL A 113 -7.43 -18.58 -15.28
N VAL A 114 -6.96 -17.47 -14.69
CA VAL A 114 -6.29 -16.41 -15.47
C VAL A 114 -4.80 -16.40 -15.25
N LEU A 115 -4.08 -16.23 -16.35
CA LEU A 115 -2.65 -16.08 -16.40
C LEU A 115 -2.37 -14.68 -16.96
N SER A 116 -1.59 -13.86 -16.24
CA SER A 116 -1.50 -12.42 -16.54
C SER A 116 -0.10 -11.84 -16.36
N GLY A 117 0.30 -10.98 -17.27
CA GLY A 117 1.59 -10.37 -17.19
C GLY A 117 1.68 -9.37 -18.31
N GLY A 118 2.64 -8.48 -18.23
CA GLY A 118 2.93 -7.60 -19.33
C GLY A 118 4.08 -8.13 -20.16
N GLY A 119 4.17 -7.69 -21.40
CA GLY A 119 5.35 -8.00 -22.25
C GLY A 119 5.39 -9.49 -22.46
N THR A 120 6.60 -10.04 -22.45
CA THR A 120 6.73 -11.46 -22.58
C THR A 120 6.05 -12.28 -21.53
N SER A 121 5.95 -11.80 -20.30
CA SER A 121 5.16 -12.58 -19.33
C SER A 121 3.75 -12.73 -19.85
N GLY A 122 3.26 -11.70 -20.57
CA GLY A 122 1.92 -11.73 -21.11
C GLY A 122 1.82 -12.63 -22.35
N ARG A 123 2.81 -12.58 -23.22
CA ARG A 123 2.91 -13.50 -24.30
C ARG A 123 2.90 -14.97 -23.76
N MET A 124 3.84 -15.30 -22.88
CA MET A 124 3.84 -16.62 -22.27
C MET A 124 2.44 -17.01 -21.78
N ALA A 125 1.76 -16.07 -21.13
CA ALA A 125 0.44 -16.33 -20.56
C ALA A 125 -0.58 -16.79 -21.61
N PHE A 126 -0.42 -16.24 -22.81
CA PHE A 126 -1.37 -16.41 -23.88
C PHE A 126 -1.09 -17.81 -24.40
N LEU A 127 0.12 -18.06 -24.85
CA LEU A 127 0.52 -19.38 -25.29
C LEU A 127 -0.02 -20.45 -24.39
N MET A 128 0.26 -20.35 -23.10
CA MET A 128 -0.18 -21.40 -22.19
C MET A 128 -1.69 -21.45 -21.99
N SER A 129 -2.42 -20.34 -22.17
CA SER A 129 -3.90 -20.39 -22.02
C SER A 129 -4.53 -21.17 -23.20
N VAL A 130 -3.94 -21.08 -24.39
CA VAL A 130 -4.46 -21.80 -25.54
C VAL A 130 -4.25 -23.31 -25.32
N SER A 131 -2.98 -23.68 -25.08
CA SER A 131 -2.63 -25.07 -24.82
C SER A 131 -3.55 -25.66 -23.82
N PHE A 132 -3.67 -25.08 -22.65
CA PHE A 132 -4.43 -25.77 -21.62
C PHE A 132 -5.92 -25.69 -21.92
N ASN A 133 -6.32 -24.75 -22.79
CA ASN A 133 -7.67 -24.77 -23.35
C ASN A 133 -7.87 -25.87 -24.37
N GLN A 134 -6.91 -26.05 -25.29
CA GLN A 134 -6.96 -27.20 -26.22
C GLN A 134 -7.22 -28.54 -25.48
N LEU A 135 -6.29 -28.86 -24.58
CA LEU A 135 -6.35 -30.05 -23.73
C LEU A 135 -7.71 -30.34 -23.12
N MET A 136 -8.43 -29.31 -22.67
CA MET A 136 -9.74 -29.54 -22.09
C MET A 136 -10.80 -29.68 -23.19
N LYS A 137 -10.56 -29.03 -24.32
CA LYS A 137 -11.45 -29.14 -25.48
C LYS A 137 -11.38 -30.59 -25.93
N GLY A 138 -10.16 -31.02 -26.26
CA GLY A 138 -9.89 -32.38 -26.62
C GLY A 138 -10.60 -33.44 -25.78
N LEU A 139 -10.87 -33.17 -24.50
CA LEU A 139 -11.73 -34.05 -23.69
C LEU A 139 -13.17 -33.51 -23.55
N GLY A 140 -13.61 -32.69 -24.50
CA GLY A 140 -14.93 -32.06 -24.42
C GLY A 140 -15.25 -31.62 -23.01
N GLN A 141 -14.27 -30.99 -22.35
CA GLN A 141 -14.53 -30.17 -21.16
C GLN A 141 -14.55 -28.71 -21.62
N LYS A 142 -15.41 -27.91 -20.98
CA LYS A 142 -15.48 -26.48 -21.31
C LYS A 142 -14.17 -25.81 -20.86
N PRO A 143 -13.57 -24.99 -21.76
CA PRO A 143 -12.35 -24.20 -21.49
C PRO A 143 -12.42 -23.31 -20.22
N LEU A 144 -11.41 -23.43 -19.34
CA LEU A 144 -11.38 -22.61 -18.11
C LEU A 144 -10.27 -21.56 -18.11
N TYR A 145 -9.37 -21.61 -19.09
CA TYR A 145 -8.22 -20.75 -19.08
C TYR A 145 -8.55 -19.50 -19.86
N THR A 146 -7.91 -18.42 -19.45
CA THR A 146 -7.81 -17.25 -20.28
C THR A 146 -6.56 -16.48 -19.85
N TYR A 147 -6.24 -15.43 -20.60
CA TYR A 147 -5.00 -14.69 -20.41
C TYR A 147 -5.31 -13.20 -20.28
N LEU A 148 -4.33 -12.43 -19.82
CA LEU A 148 -4.45 -10.99 -19.74
C LEU A 148 -3.09 -10.46 -20.11
N ILE A 149 -3.05 -9.52 -21.04
CA ILE A 149 -1.81 -8.86 -21.29
C ILE A 149 -1.94 -7.33 -21.18
N ALA A 150 -0.91 -6.71 -20.61
CA ALA A 150 -0.78 -5.28 -20.62
C ALA A 150 -1.09 -4.76 -21.99
N GLY A 151 -2.23 -4.08 -22.08
CA GLY A 151 -2.62 -3.23 -23.20
C GLY A 151 -3.55 -3.96 -24.15
N GLY A 152 -4.38 -4.86 -23.62
CA GLY A 152 -5.05 -5.90 -24.40
C GLY A 152 -4.29 -6.73 -25.44
N ASP A 153 -5.09 -7.50 -26.19
CA ASP A 153 -4.60 -8.57 -27.07
C ASP A 153 -3.71 -8.05 -28.18
N ARG A 154 -3.85 -6.79 -28.55
CA ARG A 154 -2.95 -6.28 -29.58
C ARG A 154 -1.52 -6.45 -29.09
N SER A 155 -1.33 -6.50 -27.76
CA SER A 155 0.03 -6.47 -27.16
C SER A 155 0.81 -7.78 -27.42
N VAL A 156 0.07 -8.88 -27.55
CA VAL A 156 0.61 -10.22 -27.82
C VAL A 156 1.57 -10.28 -29.00
N VAL A 157 1.34 -9.46 -30.01
CA VAL A 157 2.22 -9.47 -31.19
C VAL A 157 2.84 -8.12 -31.47
N ALA A 158 2.64 -7.16 -30.56
CA ALA A 158 3.20 -5.82 -30.71
C ALA A 158 4.27 -5.53 -29.66
N SER A 159 5.24 -4.69 -30.02
CA SER A 159 6.15 -4.05 -29.05
C SER A 159 5.42 -2.92 -28.39
N ARG A 160 5.03 -3.10 -27.13
CA ARG A 160 4.29 -2.07 -26.41
C ARG A 160 4.70 -1.97 -24.94
N GLU A 161 5.93 -1.52 -24.74
CA GLU A 161 6.55 -1.59 -23.41
C GLU A 161 5.92 -0.67 -22.34
N GLY A 162 5.21 0.39 -22.76
CA GLY A 162 4.60 1.38 -21.83
C GLY A 162 3.36 0.95 -21.08
N THR A 163 2.79 -0.15 -21.50
CA THR A 163 1.48 -0.52 -20.98
C THR A 163 1.47 -1.17 -19.59
N GLU A 164 2.63 -1.56 -19.07
CA GLU A 164 2.71 -2.29 -17.79
C GLU A 164 2.59 -1.45 -16.50
N ASP A 165 2.53 -0.13 -16.67
CA ASP A 165 2.76 0.80 -15.55
C ASP A 165 1.51 1.14 -14.77
N SER A 166 0.35 0.66 -15.23
CA SER A 166 -0.91 0.97 -14.54
C SER A 166 -1.47 -0.21 -13.81
N ALA A 167 -1.52 -0.09 -12.49
CA ALA A 167 -2.27 -0.99 -11.66
C ALA A 167 -3.77 -0.95 -11.87
N LEU A 168 -4.33 0.17 -12.32
CA LEU A 168 -5.78 0.26 -12.47
C LEU A 168 -6.14 -0.41 -13.76
N HIS A 169 -5.28 -0.33 -14.75
CA HIS A 169 -5.50 -1.02 -16.01
C HIS A 169 -5.55 -2.55 -15.80
N GLY A 170 -4.69 -3.06 -14.90
CA GLY A 170 -4.57 -4.46 -14.62
C GLY A 170 -5.82 -4.92 -13.90
N ILE A 171 -6.30 -4.08 -12.99
CA ILE A 171 -7.50 -4.41 -12.24
C ILE A 171 -8.72 -4.33 -13.19
N GLU A 172 -8.71 -3.43 -14.18
CA GLU A 172 -9.83 -3.30 -15.12
C GLU A 172 -9.93 -4.62 -15.86
N GLU A 173 -8.89 -4.93 -16.63
CA GLU A 173 -8.80 -6.16 -17.45
C GLU A 173 -9.17 -7.44 -16.72
N LEU A 174 -8.86 -7.49 -15.44
CA LEU A 174 -9.26 -8.62 -14.60
C LEU A 174 -10.72 -8.54 -14.23
N LYS A 175 -11.23 -7.34 -13.94
CA LYS A 175 -12.63 -7.23 -13.59
C LYS A 175 -13.51 -7.65 -14.78
N LYS A 176 -13.07 -7.35 -16.00
CA LYS A 176 -13.75 -7.81 -17.22
C LYS A 176 -13.91 -9.32 -17.19
N VAL A 177 -12.81 -10.05 -17.35
CA VAL A 177 -12.92 -11.52 -17.48
C VAL A 177 -13.40 -12.22 -16.22
N ALA A 178 -13.34 -11.60 -15.05
CA ALA A 178 -13.80 -12.32 -13.86
C ALA A 178 -15.30 -12.12 -13.57
N ALA A 179 -16.03 -11.59 -14.57
CA ALA A 179 -17.50 -11.80 -14.77
C ALA A 179 -18.41 -11.83 -13.52
N GLY A 180 -19.27 -12.85 -13.47
CA GLY A 180 -19.89 -13.28 -12.23
C GLY A 180 -19.50 -14.73 -12.11
N LYS A 181 -18.19 -14.96 -12.16
CA LYS A 181 -17.63 -16.26 -11.84
C LYS A 181 -17.46 -16.32 -10.33
N LYS A 182 -17.17 -17.50 -9.78
CA LYS A 182 -17.24 -17.69 -8.31
C LYS A 182 -16.00 -18.32 -7.69
N ARG A 183 -15.10 -18.81 -8.55
CA ARG A 183 -13.80 -19.35 -8.17
C ARG A 183 -12.80 -18.94 -9.26
N VAL A 184 -11.90 -18.00 -8.93
CA VAL A 184 -10.90 -17.51 -9.88
C VAL A 184 -9.45 -17.68 -9.38
N ILE A 185 -8.65 -18.29 -10.23
CA ILE A 185 -7.25 -18.45 -9.98
C ILE A 185 -6.54 -17.49 -10.91
N VAL A 186 -5.84 -16.54 -10.28
CA VAL A 186 -5.11 -15.54 -11.02
C VAL A 186 -3.67 -15.79 -10.81
N ILE A 187 -3.05 -16.28 -11.87
CA ILE A 187 -1.61 -16.45 -11.90
C ILE A 187 -1.00 -15.23 -12.54
N GLY A 188 -0.46 -14.37 -11.67
CA GLY A 188 0.18 -13.13 -12.13
C GLY A 188 1.65 -13.29 -12.35
N ILE A 189 2.14 -12.93 -13.52
CA ILE A 189 3.48 -13.24 -13.87
C ILE A 189 4.30 -11.96 -14.04
N SER A 190 5.38 -11.85 -13.29
CA SER A 190 6.32 -10.76 -13.47
C SER A 190 7.70 -11.27 -13.07
N VAL A 191 8.57 -11.46 -14.04
CA VAL A 191 9.85 -12.01 -13.77
C VAL A 191 10.52 -11.25 -12.63
N GLY A 192 10.48 -9.94 -12.75
CA GLY A 192 11.09 -9.03 -11.82
C GLY A 192 10.29 -8.84 -10.55
N LEU A 193 9.11 -9.42 -10.45
CA LEU A 193 8.17 -9.02 -9.37
C LEU A 193 8.17 -7.45 -9.37
N SER A 194 7.71 -6.91 -10.48
CA SER A 194 8.01 -5.57 -10.91
C SER A 194 6.79 -4.87 -11.52
N ALA A 195 6.00 -5.56 -12.34
CA ALA A 195 5.01 -4.88 -13.18
C ALA A 195 3.77 -4.42 -12.39
N PRO A 196 3.48 -3.12 -12.39
CA PRO A 196 2.32 -2.57 -11.66
C PRO A 196 0.97 -3.18 -12.04
N PHE A 197 0.81 -3.42 -13.33
CA PHE A 197 -0.27 -4.26 -13.91
C PHE A 197 -0.50 -5.49 -13.06
N VAL A 198 0.54 -6.27 -12.82
CA VAL A 198 0.33 -7.45 -12.03
C VAL A 198 0.02 -7.13 -10.61
N ALA A 199 0.78 -6.23 -10.04
CA ALA A 199 0.62 -5.86 -8.63
C ALA A 199 -0.84 -5.57 -8.24
N GLY A 200 -1.48 -4.70 -9.00
CA GLY A 200 -2.90 -4.40 -8.73
C GLY A 200 -3.83 -5.61 -8.78
N GLN A 201 -3.66 -6.48 -9.80
CA GLN A 201 -4.40 -7.77 -9.85
C GLN A 201 -4.22 -8.54 -8.52
N MET A 202 -2.98 -8.61 -8.04
CA MET A 202 -2.72 -9.44 -6.86
C MET A 202 -3.36 -8.81 -5.61
N ASP A 203 -3.33 -7.48 -5.52
CA ASP A 203 -3.84 -6.78 -4.32
C ASP A 203 -5.38 -6.87 -4.32
N CYS A 204 -5.97 -6.61 -5.47
CA CYS A 204 -7.37 -6.89 -5.70
C CYS A 204 -7.75 -8.31 -5.25
N CYS A 205 -7.11 -9.34 -5.84
CA CYS A 205 -7.42 -10.75 -5.44
C CYS A 205 -7.42 -10.87 -3.93
N MET A 206 -6.40 -10.35 -3.26
CA MET A 206 -6.34 -10.55 -1.81
C MET A 206 -7.49 -9.85 -1.03
N ASN A 207 -8.17 -8.91 -1.65
CA ASN A 207 -9.27 -8.24 -0.99
C ASN A 207 -10.58 -9.08 -1.02
N ASN A 208 -10.69 -9.96 -2.00
CA ASN A 208 -11.85 -10.81 -2.15
C ASN A 208 -11.45 -12.31 -2.24
N THR A 209 -10.96 -12.88 -1.14
CA THR A 209 -10.41 -14.25 -1.18
C THR A 209 -11.49 -15.26 -1.53
N ALA A 210 -12.68 -15.04 -0.98
CA ALA A 210 -13.81 -15.95 -1.14
C ALA A 210 -14.08 -16.26 -2.60
N VAL A 211 -13.60 -15.38 -3.49
CA VAL A 211 -13.62 -15.66 -4.92
C VAL A 211 -12.24 -15.84 -5.55
N PHE A 212 -11.27 -15.06 -5.07
CA PHE A 212 -10.02 -14.97 -5.79
C PHE A 212 -8.91 -15.72 -5.13
N LEU A 213 -8.14 -16.43 -5.97
CA LEU A 213 -6.90 -16.99 -5.52
C LEU A 213 -5.73 -16.45 -6.37
N PRO A 214 -4.91 -15.60 -5.73
CA PRO A 214 -3.75 -15.03 -6.36
C PRO A 214 -2.51 -15.93 -6.29
N VAL A 215 -1.86 -16.16 -7.42
CA VAL A 215 -0.61 -16.85 -7.41
C VAL A 215 0.40 -16.06 -8.19
N LEU A 216 1.53 -15.77 -7.58
CA LEU A 216 2.44 -14.80 -8.14
C LEU A 216 3.70 -15.52 -8.58
N VAL A 217 4.08 -15.32 -9.83
CA VAL A 217 5.18 -16.00 -10.38
C VAL A 217 6.22 -15.06 -10.87
N GLY A 218 7.43 -15.23 -10.36
CA GLY A 218 8.56 -14.43 -10.78
C GLY A 218 9.83 -15.06 -10.29
N PHE A 219 10.94 -14.35 -10.43
CA PHE A 219 12.20 -14.96 -10.17
C PHE A 219 13.15 -14.07 -9.35
N ASN A 220 12.57 -13.23 -8.53
CA ASN A 220 13.36 -12.57 -7.49
C ASN A 220 12.84 -13.00 -6.15
N PRO A 221 13.71 -13.04 -5.15
CA PRO A 221 13.12 -13.12 -3.81
C PRO A 221 12.25 -11.87 -3.51
N VAL A 222 11.25 -12.10 -2.69
CA VAL A 222 10.33 -11.08 -2.32
C VAL A 222 11.01 -9.82 -1.76
N SER A 223 12.17 -9.98 -1.13
CA SER A 223 12.90 -8.82 -0.64
C SER A 223 13.62 -8.05 -1.70
N MET A 224 13.56 -8.51 -2.94
CA MET A 224 14.10 -7.71 -4.02
C MET A 224 12.98 -7.22 -4.88
N ALA A 225 11.74 -7.58 -4.56
CA ALA A 225 10.62 -7.11 -5.35
C ALA A 225 10.62 -5.60 -5.36
N ARG A 226 10.14 -5.01 -6.45
CA ARG A 226 10.05 -3.57 -6.59
C ARG A 226 9.38 -2.91 -5.38
N ASN A 227 10.01 -1.84 -4.90
CA ASN A 227 9.49 -1.05 -3.78
C ASN A 227 9.45 0.41 -4.10
N ASP A 228 9.39 0.80 -5.37
CA ASP A 228 9.19 2.17 -5.71
C ASP A 228 7.72 2.37 -5.97
N PRO A 229 7.23 3.60 -5.74
CA PRO A 229 5.79 3.83 -5.78
C PRO A 229 5.24 3.72 -7.18
N ILE A 230 4.05 3.16 -7.23
CA ILE A 230 3.29 3.02 -8.42
C ILE A 230 2.39 4.23 -8.48
N GLU A 231 2.38 4.88 -9.63
CA GLU A 231 1.66 6.13 -9.79
C GLU A 231 0.17 6.12 -9.49
N ASP A 232 -0.52 5.04 -9.87
CA ASP A 232 -1.99 4.91 -9.61
C ASP A 232 -2.35 3.93 -8.45
N TRP A 233 -1.45 3.70 -7.50
CA TRP A 233 -1.71 2.68 -6.48
C TRP A 233 -0.87 3.05 -5.26
N SER A 234 -1.30 2.63 -4.06
CA SER A 234 -0.72 3.12 -2.80
C SER A 234 0.35 2.20 -2.17
N SER A 235 0.13 0.90 -2.32
CA SER A 235 1.08 -0.14 -1.92
C SER A 235 2.05 -0.39 -3.03
N THR A 236 3.21 -0.94 -2.70
CA THR A 236 4.22 -1.31 -3.71
C THR A 236 4.17 -2.81 -4.04
N PHE A 237 4.93 -3.22 -5.04
CA PHE A 237 4.97 -4.63 -5.36
C PHE A 237 5.51 -5.46 -4.16
N ARG A 238 6.55 -4.96 -3.52
CA ARG A 238 7.13 -5.67 -2.36
C ARG A 238 6.12 -5.92 -1.26
N GLN A 239 5.23 -4.98 -1.05
CA GLN A 239 4.24 -5.12 0.03
C GLN A 239 3.22 -6.15 -0.29
N VAL A 240 2.79 -6.10 -1.53
CA VAL A 240 1.83 -7.01 -2.00
C VAL A 240 2.42 -8.42 -1.90
N ALA A 241 3.58 -8.63 -2.52
CA ALA A 241 4.21 -9.92 -2.38
C ALA A 241 4.46 -10.31 -0.92
N GLU A 242 4.89 -9.38 -0.05
CA GLU A 242 5.13 -9.77 1.38
C GLU A 242 3.87 -10.30 2.04
N ARG A 243 2.74 -9.72 1.62
CA ARG A 243 1.48 -10.03 2.22
C ARG A 243 0.90 -11.34 1.69
N MET A 244 1.08 -11.55 0.37
CA MET A 244 0.76 -12.85 -0.25
C MET A 244 1.56 -14.00 0.43
N GLN A 245 2.82 -13.76 0.73
CA GLN A 245 3.62 -14.79 1.39
C GLN A 245 3.04 -15.13 2.76
N LYS A 246 2.57 -14.14 3.49
CA LYS A 246 1.96 -14.38 4.81
C LYS A 246 0.68 -15.18 4.64
N MET A 247 -0.08 -14.86 3.59
CA MET A 247 -1.30 -15.57 3.32
C MET A 247 -1.09 -17.03 2.93
N GLN A 248 0.08 -17.35 2.39
CA GLN A 248 0.40 -18.70 1.92
C GLN A 248 0.37 -19.71 3.05
N GLU A 249 0.80 -19.30 4.25
CA GLU A 249 0.64 -20.12 5.47
C GLU A 249 -0.77 -20.70 5.68
N LYS A 250 -1.78 -20.05 5.11
CA LYS A 250 -3.18 -20.50 5.24
C LYS A 250 -3.69 -20.86 3.85
N GLN A 251 -2.79 -20.96 2.88
CA GLN A 251 -3.10 -21.47 1.53
C GLN A 251 -4.10 -20.61 0.76
N LYS A 252 -4.09 -19.31 1.03
CA LYS A 252 -5.01 -18.36 0.37
C LYS A 252 -4.28 -17.45 -0.63
N ALA A 253 -2.96 -17.52 -0.66
CA ALA A 253 -2.19 -16.97 -1.77
C ALA A 253 -0.95 -17.79 -1.89
N PHE A 254 -0.27 -17.64 -3.02
CA PHE A 254 0.99 -18.33 -3.25
C PHE A 254 2.03 -17.47 -4.00
N VAL A 255 3.29 -17.59 -3.59
CA VAL A 255 4.37 -16.94 -4.26
C VAL A 255 5.32 -18.02 -4.75
N LEU A 256 5.45 -18.13 -6.06
CA LEU A 256 6.36 -19.04 -6.70
C LEU A 256 7.53 -18.32 -7.31
N ASN A 257 8.67 -18.31 -6.67
CA ASN A 257 9.68 -17.36 -7.05
C ASN A 257 11.09 -17.89 -6.90
N PRO A 258 11.45 -18.88 -7.74
CA PRO A 258 12.77 -19.48 -7.62
C PRO A 258 13.76 -18.56 -8.26
N ALA A 259 14.99 -18.49 -7.77
CA ALA A 259 16.02 -17.80 -8.52
C ALA A 259 16.40 -18.66 -9.70
N ILE A 260 16.80 -18.03 -10.77
CA ILE A 260 17.32 -18.73 -11.95
C ILE A 260 18.59 -18.09 -12.49
N GLY A 261 19.09 -17.10 -11.74
CA GLY A 261 20.32 -16.38 -12.09
C GLY A 261 20.09 -15.31 -13.16
N PRO A 262 21.01 -14.37 -13.29
CA PRO A 262 20.77 -13.29 -14.20
C PRO A 262 20.71 -13.69 -15.67
N GLU A 263 20.20 -12.76 -16.46
CA GLU A 263 20.02 -12.97 -17.86
C GLU A 263 21.36 -12.70 -18.52
N GLY A 264 21.61 -13.39 -19.65
CA GLY A 264 22.86 -13.24 -20.41
C GLY A 264 23.13 -11.82 -20.89
N LEU A 265 22.10 -11.19 -21.39
CA LEU A 265 22.09 -9.76 -21.63
C LEU A 265 21.31 -9.20 -20.43
N SER A 266 21.99 -8.44 -19.55
CA SER A 266 21.39 -7.97 -18.28
C SER A 266 19.98 -7.39 -18.43
N GLY A 267 19.05 -7.94 -17.67
CA GLY A 267 17.69 -7.43 -17.61
C GLY A 267 16.81 -7.87 -18.75
N SER A 268 17.32 -8.72 -19.63
CA SER A 268 16.51 -9.18 -20.74
C SER A 268 15.66 -10.37 -20.36
N SER A 269 14.57 -10.09 -19.63
CA SER A 269 13.76 -11.17 -19.09
C SER A 269 12.83 -11.83 -20.14
N ARG A 270 12.96 -11.47 -21.40
CA ARG A 270 12.30 -12.26 -22.44
C ARG A 270 13.00 -13.62 -22.49
N MET A 271 14.24 -13.71 -22.04
CA MET A 271 15.01 -14.91 -22.25
C MET A 271 14.79 -15.92 -21.14
N LYS A 272 15.73 -16.07 -20.24
CA LYS A 272 15.53 -17.06 -19.19
C LYS A 272 14.17 -16.91 -18.52
N GLY A 273 13.78 -15.65 -18.24
CA GLY A 273 12.56 -15.39 -17.51
C GLY A 273 11.36 -15.91 -18.24
N GLY A 274 11.30 -15.64 -19.54
CA GLY A 274 10.23 -16.23 -20.38
C GLY A 274 10.21 -17.76 -20.30
N SER A 275 11.36 -18.38 -20.54
CA SER A 275 11.54 -19.86 -20.43
C SER A 275 11.21 -20.46 -19.06
N ALA A 276 11.79 -19.88 -18.01
CA ALA A 276 11.45 -20.39 -16.68
C ALA A 276 9.94 -20.27 -16.45
N THR A 277 9.33 -19.24 -17.01
CA THR A 277 7.91 -19.10 -16.79
C THR A 277 7.19 -20.31 -17.40
N LYS A 278 7.39 -20.58 -18.68
CA LYS A 278 6.71 -21.74 -19.33
C LYS A 278 7.06 -22.96 -18.53
N ILE A 279 8.34 -23.10 -18.20
CA ILE A 279 8.79 -24.35 -17.60
C ILE A 279 8.04 -24.52 -16.32
N LEU A 280 8.05 -23.47 -15.52
CA LEU A 280 7.46 -23.57 -14.22
C LEU A 280 5.96 -23.86 -14.35
N LEU A 281 5.26 -23.14 -15.20
CA LEU A 281 3.80 -23.24 -15.18
C LEU A 281 3.20 -24.40 -16.00
N GLU A 282 3.81 -24.70 -17.15
CA GLU A 282 3.33 -25.89 -17.91
C GLU A 282 3.50 -27.13 -17.04
N THR A 283 4.70 -27.28 -16.49
CA THR A 283 4.94 -28.36 -15.53
C THR A 283 3.77 -28.51 -14.57
N LEU A 284 3.45 -27.42 -13.91
CA LEU A 284 2.56 -27.54 -12.77
C LEU A 284 1.12 -27.68 -13.25
N LEU A 285 0.82 -27.04 -14.37
CA LEU A 285 -0.51 -27.22 -14.91
C LEU A 285 -0.61 -28.66 -15.52
N LEU A 286 0.33 -29.06 -16.37
CA LEU A 286 0.22 -30.40 -16.99
C LEU A 286 -0.01 -31.45 -15.93
N ALA A 287 0.73 -31.36 -14.82
CA ALA A 287 0.45 -32.22 -13.69
C ALA A 287 -0.96 -32.12 -13.14
N ALA A 288 -1.50 -30.90 -13.10
CA ALA A 288 -2.77 -30.71 -12.41
C ALA A 288 -3.81 -31.58 -13.08
N HIS A 289 -3.87 -31.49 -14.39
CA HIS A 289 -4.85 -32.20 -15.18
C HIS A 289 -4.57 -33.71 -15.10
N LYS A 290 -3.38 -34.08 -15.57
CA LYS A 290 -3.04 -35.47 -15.70
C LYS A 290 -3.34 -36.22 -14.39
N THR A 291 -3.11 -35.64 -13.23
CA THR A 291 -3.45 -36.33 -11.96
C THR A 291 -4.92 -36.21 -11.50
N VAL A 292 -5.78 -35.54 -12.25
CA VAL A 292 -7.18 -35.42 -11.81
C VAL A 292 -7.97 -36.67 -12.13
N ASP A 293 -8.01 -36.99 -13.42
CA ASP A 293 -8.72 -38.16 -13.92
C ASP A 293 -8.10 -39.43 -13.34
N GLN A 294 -6.85 -39.35 -12.86
CA GLN A 294 -6.26 -40.44 -12.04
C GLN A 294 -6.85 -40.47 -10.63
N GLY A 295 -7.42 -39.35 -10.19
CA GLY A 295 -8.02 -39.23 -8.86
C GLY A 295 -6.98 -39.45 -7.78
N ILE A 296 -5.86 -38.75 -7.93
CA ILE A 296 -4.73 -38.83 -7.00
C ILE A 296 -4.19 -37.41 -6.79
N ALA A 297 -3.66 -37.15 -5.59
CA ALA A 297 -2.97 -35.89 -5.32
C ALA A 297 -1.73 -35.81 -6.19
N ALA A 298 -1.58 -34.68 -6.87
CA ALA A 298 -0.33 -34.36 -7.58
C ALA A 298 0.79 -34.34 -6.55
N SER A 299 1.95 -34.84 -6.92
CA SER A 299 3.06 -34.97 -5.99
C SER A 299 4.33 -34.51 -6.68
N GLN A 300 5.36 -34.30 -5.89
CA GLN A 300 6.64 -33.80 -6.39
C GLN A 300 7.12 -34.68 -7.53
N ARG A 301 6.91 -35.98 -7.37
CA ARG A 301 7.29 -36.98 -8.34
C ARG A 301 6.69 -36.71 -9.72
N CYS A 302 5.44 -36.33 -9.83
CA CYS A 302 4.94 -36.07 -11.21
C CYS A 302 5.60 -34.84 -11.89
N LEU A 303 5.73 -33.78 -11.09
CA LEU A 303 6.38 -32.54 -11.50
C LEU A 303 7.80 -32.80 -11.99
N LEU A 304 8.54 -33.56 -11.19
CA LEU A 304 9.95 -33.77 -11.46
C LEU A 304 10.19 -34.46 -12.79
N GLU A 305 9.31 -35.40 -13.16
CA GLU A 305 9.42 -36.04 -14.45
C GLU A 305 9.36 -34.97 -15.50
N ILE A 306 8.30 -34.18 -15.42
CA ILE A 306 8.15 -33.02 -16.31
C ILE A 306 9.37 -32.10 -16.30
N LEU A 307 9.85 -31.72 -15.12
CA LEU A 307 10.97 -30.79 -15.11
C LEU A 307 12.18 -31.39 -15.78
N ARG A 308 12.51 -32.63 -15.41
CA ARG A 308 13.66 -33.32 -16.03
C ARG A 308 13.51 -33.43 -17.55
N THR A 309 12.27 -33.63 -18.03
CA THR A 309 12.09 -33.60 -19.46
C THR A 309 12.50 -32.23 -20.00
N PHE A 310 11.99 -31.16 -19.36
CA PHE A 310 12.40 -29.81 -19.78
C PHE A 310 13.91 -29.64 -19.66
N GLU A 311 14.56 -30.25 -18.69
CA GLU A 311 16.03 -30.07 -18.59
C GLU A 311 16.81 -30.88 -19.68
N ARG A 312 16.20 -31.97 -20.14
CA ARG A 312 16.74 -32.74 -21.29
C ARG A 312 16.64 -31.87 -22.50
N ALA A 313 15.44 -31.33 -22.66
CA ALA A 313 15.15 -30.39 -23.72
C ALA A 313 16.21 -29.34 -23.91
N HIS A 314 16.83 -28.87 -22.83
CA HIS A 314 17.92 -27.90 -23.03
C HIS A 314 19.15 -28.55 -23.61
N GLN A 315 19.46 -29.73 -23.14
CA GLN A 315 20.66 -30.43 -23.56
C GLN A 315 20.46 -30.83 -25.03
N VAL A 316 19.31 -31.43 -25.29
CA VAL A 316 18.94 -31.73 -26.67
C VAL A 316 19.16 -30.50 -27.53
N THR A 317 18.48 -29.42 -27.17
CA THR A 317 18.42 -28.24 -28.01
C THR A 317 19.79 -27.66 -28.32
N TYR A 318 20.69 -27.64 -27.36
CA TYR A 318 22.01 -27.04 -27.52
C TYR A 318 23.03 -28.05 -28.02
N SER A 319 22.55 -29.27 -28.35
CA SER A 319 23.37 -30.22 -29.12
C SER A 319 23.66 -29.61 -30.45
N GLN A 320 22.67 -28.88 -30.95
CA GLN A 320 22.78 -28.21 -32.23
C GLN A 320 23.52 -26.91 -32.19
N SER A 321 24.43 -26.72 -31.23
CA SER A 321 25.10 -25.42 -31.13
C SER A 321 25.78 -24.91 -32.43
N PRO A 322 26.65 -25.73 -33.05
CA PRO A 322 27.42 -25.29 -34.23
C PRO A 322 26.54 -24.70 -35.34
N LYS A 323 25.45 -25.39 -35.63
CA LYS A 323 24.52 -25.01 -36.68
C LYS A 323 23.72 -23.79 -36.23
N ILE A 324 23.52 -23.67 -34.91
CA ILE A 324 22.91 -22.48 -34.28
C ILE A 324 23.81 -21.27 -34.47
N ALA A 325 25.09 -21.42 -34.11
CA ALA A 325 26.06 -20.35 -34.37
C ALA A 325 25.97 -19.82 -35.82
N THR A 326 25.99 -20.72 -36.82
CA THR A 326 25.92 -20.35 -38.26
C THR A 326 24.65 -19.55 -38.57
N LEU A 327 23.48 -20.10 -38.24
CA LEU A 327 22.24 -19.37 -38.50
C LEU A 327 22.31 -17.97 -37.90
N MET A 328 23.06 -17.81 -36.82
CA MET A 328 23.27 -16.51 -36.23
C MET A 328 24.13 -15.68 -37.17
N LYS A 329 25.25 -16.24 -37.62
CA LYS A 329 26.13 -15.52 -38.57
C LYS A 329 25.41 -15.05 -39.85
N SER A 330 24.56 -15.89 -40.44
CA SER A 330 23.78 -15.48 -41.62
C SER A 330 22.75 -14.36 -41.29
N VAL A 331 22.28 -14.34 -40.04
CA VAL A 331 21.38 -13.29 -39.58
C VAL A 331 22.17 -12.00 -39.32
N SER A 332 23.29 -12.11 -38.64
CA SER A 332 24.10 -10.94 -38.39
C SER A 332 24.44 -10.22 -39.70
N THR A 333 25.11 -10.93 -40.62
CA THR A 333 25.50 -10.33 -41.93
C THR A 333 24.30 -9.75 -42.66
N SER A 334 23.24 -10.55 -42.86
CA SER A 334 21.97 -10.02 -43.44
C SER A 334 21.47 -8.63 -42.91
N LEU A 335 21.71 -8.37 -41.63
CA LEU A 335 21.33 -7.11 -40.96
C LEU A 335 22.43 -6.07 -40.96
N GLU A 336 23.68 -6.53 -41.01
CA GLU A 336 24.83 -5.64 -41.27
C GLU A 336 24.65 -5.06 -42.70
N LYS A 337 24.45 -5.94 -43.67
CA LYS A 337 24.24 -5.53 -45.08
C LYS A 337 22.97 -4.71 -45.26
N LYS A 338 22.23 -4.51 -44.16
CA LYS A 338 21.05 -3.66 -44.17
C LYS A 338 19.84 -4.37 -44.80
N GLY A 339 19.95 -5.68 -44.95
CA GLY A 339 18.82 -6.46 -45.38
C GLY A 339 17.74 -6.61 -44.31
N HIS A 340 17.01 -7.73 -44.40
CA HIS A 340 15.94 -8.05 -43.48
C HIS A 340 16.02 -9.56 -43.27
N VAL A 341 15.29 -10.02 -42.25
CA VAL A 341 15.30 -11.40 -41.78
C VAL A 341 13.90 -11.88 -41.47
N TYR A 342 13.61 -13.10 -41.91
CA TYR A 342 12.26 -13.62 -41.91
C TYR A 342 12.23 -14.95 -41.22
N LEU A 343 11.18 -15.18 -40.44
CA LEU A 343 11.01 -16.39 -39.72
C LEU A 343 9.62 -16.86 -40.01
N VAL A 344 9.54 -18.05 -40.59
CA VAL A 344 8.27 -18.56 -41.04
C VAL A 344 8.12 -19.90 -40.37
N GLY A 345 6.91 -20.20 -39.92
CA GLY A 345 6.67 -21.32 -39.04
C GLY A 345 5.19 -21.56 -38.84
N TRP A 346 4.83 -22.74 -38.32
CA TRP A 346 3.43 -23.20 -38.41
C TRP A 346 2.91 -23.43 -37.02
N GLN A 347 1.60 -23.38 -36.88
CA GLN A 347 0.92 -23.52 -35.61
C GLN A 347 1.66 -22.67 -34.55
N THR A 348 1.72 -23.12 -33.30
CA THR A 348 2.28 -22.27 -32.25
C THR A 348 3.73 -21.82 -32.55
N LEU A 349 4.50 -22.55 -33.34
CA LEU A 349 5.89 -22.14 -33.64
C LEU A 349 5.99 -20.94 -34.53
N GLY A 350 4.95 -20.68 -35.31
CA GLY A 350 4.91 -19.44 -36.09
C GLY A 350 4.75 -18.26 -35.14
N ILE A 351 3.81 -18.38 -34.20
CA ILE A 351 3.59 -17.38 -33.15
C ILE A 351 4.91 -17.03 -32.44
N ILE A 352 5.51 -18.02 -31.82
CA ILE A 352 6.82 -17.88 -31.19
C ILE A 352 7.78 -17.15 -32.11
N ALA A 353 7.68 -17.37 -33.44
CA ALA A 353 8.54 -16.63 -34.42
C ALA A 353 8.28 -15.10 -34.39
N ILE A 354 6.98 -14.78 -34.42
CA ILE A 354 6.47 -13.43 -34.47
C ILE A 354 7.00 -12.75 -33.22
N MET A 355 6.70 -13.39 -32.10
CA MET A 355 7.12 -12.95 -30.81
C MET A 355 8.60 -12.64 -30.82
N ASP A 356 9.46 -13.57 -31.20
CA ASP A 356 10.87 -13.21 -31.12
C ASP A 356 11.20 -11.98 -31.92
N GLY A 357 10.46 -11.70 -32.99
CA GLY A 357 10.87 -10.61 -33.89
C GLY A 357 10.42 -9.25 -33.37
N VAL A 358 9.19 -9.21 -32.93
CA VAL A 358 8.67 -8.07 -32.23
C VAL A 358 9.61 -7.63 -31.05
N GLU A 359 10.14 -8.60 -30.30
CA GLU A 359 10.89 -8.26 -29.10
C GLU A 359 12.19 -7.58 -29.46
N CYS A 360 12.71 -7.89 -30.64
CA CYS A 360 13.94 -7.22 -31.13
C CYS A 360 13.84 -5.70 -31.29
N ILE A 361 12.62 -5.20 -31.49
CA ILE A 361 12.36 -3.79 -31.67
C ILE A 361 12.78 -3.03 -30.41
N HIS A 362 12.08 -3.28 -29.29
CA HIS A 362 12.43 -2.64 -28.04
C HIS A 362 13.78 -3.14 -27.53
N THR A 363 14.02 -4.43 -27.62
CA THR A 363 15.22 -4.94 -27.06
C THR A 363 16.46 -4.39 -27.73
N PHE A 364 16.41 -4.05 -29.02
CA PHE A 364 17.64 -3.59 -29.73
C PHE A 364 17.52 -2.27 -30.55
N GLY A 365 16.41 -1.58 -30.43
CA GLY A 365 16.21 -0.40 -31.25
C GLY A 365 16.19 -0.76 -32.72
N ALA A 366 15.69 -1.96 -33.01
CA ALA A 366 15.63 -2.48 -34.37
C ALA A 366 14.27 -2.16 -34.93
N ASP A 367 14.21 -2.00 -36.25
CA ASP A 367 12.97 -1.71 -36.99
C ASP A 367 12.18 -3.01 -37.14
N PHE A 368 10.84 -2.94 -37.17
CA PHE A 368 9.96 -4.12 -37.20
C PHE A 368 10.10 -5.04 -38.39
N ARG A 369 11.02 -4.70 -39.30
CA ARG A 369 11.31 -5.53 -40.44
C ARG A 369 12.68 -6.16 -40.31
N ASP A 370 13.49 -5.65 -39.40
CA ASP A 370 14.82 -6.21 -39.18
C ASP A 370 14.79 -7.74 -38.93
N VAL A 371 13.76 -8.20 -38.21
CA VAL A 371 13.58 -9.61 -37.90
C VAL A 371 12.07 -9.85 -37.71
N ARG A 372 11.39 -10.40 -38.72
CA ARG A 372 9.90 -10.46 -38.71
C ARG A 372 9.40 -11.91 -38.64
N GLY A 373 8.29 -12.13 -37.97
CA GLY A 373 7.80 -13.49 -37.74
C GLY A 373 6.50 -13.72 -38.46
N PHE A 374 6.36 -14.90 -39.09
CA PHE A 374 5.16 -15.22 -39.87
C PHE A 374 4.56 -16.56 -39.47
N LEU A 375 3.23 -16.58 -39.32
CA LEU A 375 2.45 -17.81 -39.12
C LEU A 375 1.62 -18.29 -40.36
N ILE A 376 1.46 -19.61 -40.51
CA ILE A 376 0.54 -20.22 -41.49
C ILE A 376 -0.43 -21.19 -40.80
N PHE A 396 1.16 -10.53 -39.88
CA PHE A 396 1.81 -11.66 -39.17
C PHE A 396 1.28 -13.05 -39.56
N THR A 397 -0.05 -13.20 -39.52
CA THR A 397 -0.73 -14.44 -39.92
C THR A 397 -1.00 -14.49 -41.47
N PHE A 398 0.07 -14.39 -42.29
CA PHE A 398 -0.04 -14.30 -43.76
C PHE A 398 0.11 -15.66 -44.45
N SER A 399 -0.98 -16.16 -45.05
CA SER A 399 -1.14 -17.57 -45.59
C SER A 399 -0.28 -18.01 -46.83
N GLN A 400 -0.47 -19.26 -47.30
CA GLN A 400 0.41 -19.88 -48.34
C GLN A 400 0.40 -19.08 -49.65
N GLU A 401 -0.76 -19.09 -50.31
CA GLU A 401 -1.04 -18.24 -51.47
C GLU A 401 -1.39 -16.85 -50.92
N ASP A 402 -0.38 -16.12 -50.45
CA ASP A 402 -0.58 -14.84 -49.75
C ASP A 402 0.81 -14.27 -49.49
N PHE A 403 1.58 -15.04 -48.73
CA PHE A 403 3.00 -14.82 -48.51
C PHE A 403 3.75 -14.87 -49.85
N LEU A 404 3.31 -15.81 -50.69
CA LEU A 404 3.86 -16.02 -52.03
C LEU A 404 3.64 -14.82 -52.95
N THR A 405 2.47 -14.20 -52.86
CA THR A 405 2.13 -13.06 -53.69
C THR A 405 2.75 -11.78 -53.15
N SER A 406 2.51 -11.49 -51.87
CA SER A 406 2.88 -10.20 -51.26
C SER A 406 4.33 -10.11 -50.73
N ILE A 407 4.76 -11.05 -49.88
CA ILE A 407 6.05 -10.88 -49.22
C ILE A 407 7.16 -11.31 -50.14
N LEU A 408 6.98 -12.50 -50.71
CA LEU A 408 7.94 -13.15 -51.59
C LEU A 408 8.66 -12.22 -52.60
N PRO A 409 7.90 -11.39 -53.38
CA PRO A 409 8.53 -10.50 -54.38
C PRO A 409 9.77 -9.73 -53.92
N SER A 410 9.60 -9.01 -52.81
CA SER A 410 10.59 -8.07 -52.26
C SER A 410 11.76 -8.69 -51.44
N LEU A 411 11.98 -10.01 -51.54
CA LEU A 411 13.14 -10.64 -50.89
C LEU A 411 14.41 -10.29 -51.66
N THR A 412 15.57 -10.78 -51.24
CA THR A 412 16.83 -10.35 -51.86
C THR A 412 18.03 -11.32 -51.62
N GLU A 413 19.06 -11.19 -52.46
CA GLU A 413 20.32 -11.98 -52.34
C GLU A 413 20.87 -11.99 -50.89
N ILE A 414 20.79 -10.83 -50.24
CA ILE A 414 21.43 -10.58 -48.93
C ILE A 414 20.61 -11.01 -47.70
N ASP A 415 19.29 -11.19 -47.89
CA ASP A 415 18.34 -11.54 -46.83
C ASP A 415 18.55 -12.95 -46.21
N THR A 416 17.60 -13.37 -45.35
CA THR A 416 17.62 -14.69 -44.71
C THR A 416 16.22 -15.13 -44.32
N VAL A 417 15.81 -16.31 -44.79
CA VAL A 417 14.52 -16.88 -44.38
C VAL A 417 14.69 -18.21 -43.66
N VAL A 418 13.91 -18.40 -42.60
CA VAL A 418 14.10 -19.46 -41.62
C VAL A 418 12.78 -20.20 -41.41
N PHE A 419 12.87 -21.50 -41.48
CA PHE A 419 11.70 -22.32 -41.55
C PHE A 419 11.69 -23.24 -40.36
N ILE A 420 10.55 -23.26 -39.68
CA ILE A 420 10.43 -23.77 -38.34
C ILE A 420 9.12 -24.52 -38.32
N PHE A 421 9.20 -25.82 -38.07
CA PHE A 421 8.07 -26.71 -38.29
C PHE A 421 8.44 -28.09 -37.78
N THR A 422 7.39 -28.84 -37.46
CA THR A 422 7.49 -30.23 -37.13
C THR A 422 7.19 -31.04 -38.39
N LEU A 423 7.56 -32.31 -38.39
CA LEU A 423 7.24 -33.18 -39.52
C LEU A 423 5.80 -33.67 -39.43
N ASP A 424 5.09 -33.31 -38.37
CA ASP A 424 3.64 -33.60 -38.34
C ASP A 424 2.82 -32.46 -38.95
N ASP A 425 3.49 -31.58 -39.70
CA ASP A 425 2.82 -30.43 -40.34
C ASP A 425 2.49 -30.73 -41.81
N ASN A 426 1.90 -29.75 -42.48
CA ASN A 426 1.69 -29.78 -43.92
C ASN A 426 3.01 -29.47 -44.66
N LEU A 427 3.81 -30.51 -44.86
CA LEU A 427 5.11 -30.38 -45.54
C LEU A 427 5.02 -30.07 -47.04
N THR A 428 3.84 -30.32 -47.63
CA THR A 428 3.59 -29.87 -49.01
C THR A 428 3.33 -28.38 -49.01
N GLU A 429 2.70 -27.87 -47.95
CA GLU A 429 2.55 -26.43 -47.78
C GLU A 429 3.96 -25.82 -47.61
N VAL A 430 4.84 -26.56 -46.94
CA VAL A 430 6.20 -26.10 -46.64
C VAL A 430 7.07 -26.00 -47.91
N GLN A 431 7.25 -27.13 -48.58
CA GLN A 431 8.19 -27.24 -49.70
C GLN A 431 7.88 -26.19 -50.77
N THR A 432 6.58 -25.95 -50.99
CA THR A 432 6.15 -24.92 -51.93
C THR A 432 6.90 -23.63 -51.65
N ILE A 433 6.89 -23.20 -50.38
CA ILE A 433 7.46 -21.92 -50.00
C ILE A 433 8.97 -21.92 -50.11
N VAL A 434 9.59 -23.07 -49.87
CA VAL A 434 11.04 -23.10 -49.91
C VAL A 434 11.50 -23.21 -51.37
N GLU A 435 10.75 -24.01 -52.15
CA GLU A 435 10.88 -24.04 -53.61
C GLU A 435 10.89 -22.60 -54.12
N GLN A 436 9.90 -21.83 -53.68
CA GLN A 436 9.72 -20.44 -54.10
C GLN A 436 10.83 -19.50 -53.60
N VAL A 437 11.20 -19.58 -52.31
CA VAL A 437 12.19 -18.66 -51.70
C VAL A 437 13.63 -18.95 -52.16
N LYS A 438 13.88 -20.18 -52.59
CA LYS A 438 15.15 -20.45 -53.24
C LYS A 438 15.38 -19.58 -54.48
N GLU A 439 14.32 -18.95 -54.99
CA GLU A 439 14.43 -17.98 -56.10
C GLU A 439 15.35 -16.82 -55.69
N LYS A 440 14.82 -15.89 -54.89
CA LYS A 440 15.56 -14.68 -54.48
C LYS A 440 16.66 -14.98 -53.47
N THR A 441 16.37 -15.87 -52.52
CA THR A 441 17.30 -16.12 -51.42
C THR A 441 18.06 -17.42 -51.59
N ASN A 442 19.29 -17.39 -51.09
CA ASN A 442 20.12 -18.56 -50.92
C ASN A 442 20.40 -18.82 -49.41
N HIS A 443 20.78 -17.80 -48.66
CA HIS A 443 20.88 -17.93 -47.19
C HIS A 443 19.50 -18.29 -46.64
N ILE A 444 19.05 -19.53 -46.78
CA ILE A 444 17.82 -19.95 -46.09
C ILE A 444 18.21 -20.60 -44.75
N GLN A 445 17.93 -21.91 -44.54
CA GLN A 445 18.20 -22.64 -43.26
C GLN A 445 16.89 -22.98 -42.55
N ALA A 446 16.88 -24.09 -41.79
CA ALA A 446 15.60 -24.58 -41.17
C ALA A 446 15.71 -25.23 -39.78
N LEU A 447 14.54 -25.44 -39.16
CA LEU A 447 14.44 -25.96 -37.80
C LEU A 447 13.32 -26.97 -37.69
N ALA A 448 13.75 -28.23 -37.73
CA ALA A 448 12.86 -29.36 -37.95
C ALA A 448 12.77 -30.22 -36.71
N HIS A 449 11.55 -30.31 -36.18
CA HIS A 449 11.27 -31.08 -34.99
C HIS A 449 10.60 -32.40 -35.33
N SER A 450 11.41 -33.45 -35.27
CA SER A 450 10.96 -34.81 -35.52
C SER A 450 10.78 -35.53 -34.19
N THR A 451 9.82 -36.45 -34.11
CA THR A 451 9.95 -37.58 -33.16
C THR A 451 10.79 -38.66 -33.91
N VAL A 452 11.85 -39.17 -33.27
CA VAL A 452 12.77 -40.22 -33.86
C VAL A 452 12.26 -41.17 -34.97
N GLY A 453 12.99 -41.23 -36.08
CA GLY A 453 12.67 -42.17 -37.16
C GLY A 453 11.57 -41.72 -38.12
N GLN A 454 10.98 -40.56 -37.87
CA GLN A 454 10.31 -39.80 -38.94
C GLN A 454 11.44 -39.42 -39.88
N THR A 455 11.15 -39.34 -41.18
CA THR A 455 12.26 -39.40 -42.16
C THR A 455 12.58 -38.08 -42.84
N LEU A 456 11.57 -37.28 -43.16
CA LEU A 456 11.77 -36.01 -43.83
C LEU A 456 11.62 -36.15 -45.37
N PRO A 457 10.39 -36.42 -45.85
CA PRO A 457 10.00 -36.42 -47.27
C PRO A 457 10.83 -35.50 -48.20
N ILE A 458 11.08 -36.01 -49.42
CA ILE A 458 12.10 -35.48 -50.34
C ILE A 458 13.49 -35.65 -49.69
N PRO A 459 14.29 -36.67 -50.16
CA PRO A 459 15.74 -36.77 -49.82
C PRO A 459 16.59 -35.71 -50.56
N LEU A 460 15.93 -35.12 -51.57
CA LEU A 460 16.30 -33.85 -52.22
C LEU A 460 15.93 -32.64 -51.34
N LYS A 461 15.90 -32.84 -50.02
CA LYS A 461 15.82 -31.74 -49.07
C LYS A 461 17.23 -31.35 -48.67
N LYS A 462 18.17 -31.60 -49.58
CA LYS A 462 19.42 -30.87 -49.64
C LYS A 462 19.14 -29.48 -50.25
N LEU A 463 17.88 -29.02 -50.16
CA LEU A 463 17.60 -27.58 -50.10
C LEU A 463 18.43 -27.05 -48.91
N PHE A 464 18.23 -27.64 -47.74
CA PHE A 464 19.12 -27.39 -46.58
C PHE A 464 20.09 -28.54 -46.43
N PRO A 465 21.36 -28.36 -46.85
CA PRO A 465 22.33 -29.43 -46.59
C PRO A 465 22.35 -29.76 -45.10
N SER A 466 22.95 -28.91 -44.26
CA SER A 466 22.91 -29.14 -42.78
C SER A 466 21.77 -28.39 -42.06
N ILE A 467 20.52 -28.83 -42.29
CA ILE A 467 19.39 -28.52 -41.41
C ILE A 467 19.74 -28.51 -39.92
N ILE A 468 18.80 -27.98 -39.15
CA ILE A 468 18.73 -28.20 -37.70
C ILE A 468 17.57 -29.18 -37.44
N SER A 469 17.90 -30.46 -37.58
CA SER A 469 17.03 -31.54 -37.12
C SER A 469 17.30 -31.60 -35.64
N ILE A 470 16.20 -31.55 -34.88
CA ILE A 470 16.19 -31.86 -33.48
C ILE A 470 15.19 -32.97 -33.42
N THR A 471 15.61 -34.11 -32.90
CA THR A 471 14.76 -35.29 -32.89
C THR A 471 14.45 -35.65 -31.44
N TRP A 472 13.16 -35.87 -31.13
CA TRP A 472 12.66 -36.18 -29.76
C TRP A 472 12.38 -37.68 -29.52
N PRO A 473 12.90 -38.26 -28.43
CA PRO A 473 12.51 -39.61 -28.05
C PRO A 473 11.02 -39.95 -28.17
N LEU A 474 10.70 -41.23 -28.01
CA LEU A 474 9.33 -41.62 -27.79
C LEU A 474 9.05 -41.41 -26.31
N LEU A 475 7.84 -40.99 -25.98
CA LEU A 475 7.40 -40.89 -24.59
C LEU A 475 6.05 -41.61 -24.42
N PHE A 476 5.64 -41.79 -23.16
CA PHE A 476 4.29 -42.23 -22.85
C PHE A 476 3.40 -41.00 -22.93
N PHE A 477 2.32 -41.08 -23.70
CA PHE A 477 1.35 -39.99 -23.76
C PHE A 477 -0.07 -40.52 -23.68
N GLU A 478 -0.82 -39.94 -22.74
CA GLU A 478 -2.24 -40.16 -22.66
C GLU A 478 -2.94 -38.98 -23.33
N TYR A 479 -2.63 -37.76 -22.91
CA TYR A 479 -3.48 -36.62 -23.27
C TYR A 479 -3.38 -36.20 -24.73
N GLU A 480 -4.58 -36.08 -25.32
CA GLU A 480 -4.86 -35.44 -26.64
C GLU A 480 -3.71 -35.25 -27.66
N GLY A 481 -3.19 -34.02 -27.78
CA GLY A 481 -2.16 -33.67 -28.77
C GLY A 481 -0.74 -33.75 -28.22
N ASN A 482 -0.50 -34.74 -27.34
CA ASN A 482 0.82 -35.11 -26.78
C ASN A 482 1.57 -33.91 -26.15
N PHE A 483 0.86 -33.21 -25.27
CA PHE A 483 1.16 -31.81 -24.95
C PHE A 483 2.61 -31.52 -24.56
N ILE A 484 3.18 -32.41 -23.76
CA ILE A 484 4.60 -32.42 -23.47
C ILE A 484 5.49 -32.32 -24.73
N GLN A 485 5.10 -32.97 -25.81
CA GLN A 485 5.87 -32.86 -27.04
C GLN A 485 5.77 -31.43 -27.56
N LYS A 486 4.61 -30.79 -27.38
CA LYS A 486 4.44 -29.39 -27.81
C LYS A 486 5.39 -28.50 -26.98
N PHE A 487 5.29 -28.63 -25.65
CA PHE A 487 6.03 -27.76 -24.73
C PHE A 487 7.50 -27.82 -24.96
N GLN A 488 8.00 -29.02 -25.24
CA GLN A 488 9.41 -29.22 -25.50
C GLN A 488 9.85 -28.48 -26.74
N ARG A 489 9.02 -28.56 -27.76
CA ARG A 489 9.39 -28.04 -29.08
C ARG A 489 9.36 -26.51 -29.05
N GLU A 490 8.20 -25.98 -28.69
CA GLU A 490 8.04 -24.55 -28.33
C GLU A 490 9.28 -24.03 -27.59
N LEU A 491 9.56 -24.61 -26.41
CA LEU A 491 10.69 -24.16 -25.59
C LEU A 491 12.03 -24.18 -26.31
N SER A 492 12.24 -25.20 -27.12
CA SER A 492 13.50 -25.36 -27.82
C SER A 492 13.63 -24.31 -28.92
N THR A 493 12.51 -24.01 -29.55
CA THR A 493 12.48 -22.95 -30.57
C THR A 493 12.78 -21.60 -29.93
N LYS A 494 12.03 -21.29 -28.87
CA LYS A 494 12.31 -20.06 -28.10
C LYS A 494 13.79 -20.00 -27.79
N TRP A 495 14.34 -21.07 -27.22
CA TRP A 495 15.78 -21.02 -26.96
C TRP A 495 16.54 -20.72 -28.20
N VAL A 496 16.16 -21.35 -29.30
CA VAL A 496 16.94 -21.15 -30.55
C VAL A 496 16.77 -19.76 -31.07
N LEU A 497 15.55 -19.37 -31.33
CA LEU A 497 15.32 -18.03 -31.88
C LEU A 497 16.00 -16.98 -30.99
N ASN A 498 15.62 -16.91 -29.69
CA ASN A 498 16.24 -15.95 -28.72
C ASN A 498 17.76 -15.91 -28.81
N THR A 499 18.41 -17.08 -28.73
CA THR A 499 19.85 -17.11 -28.79
C THR A 499 20.31 -16.50 -30.09
N VAL A 500 19.55 -16.74 -31.15
CA VAL A 500 19.96 -16.29 -32.48
C VAL A 500 19.76 -14.79 -32.65
N SER A 501 18.57 -14.32 -32.33
CA SER A 501 18.27 -12.90 -32.48
C SER A 501 19.20 -12.11 -31.57
N THR A 502 19.23 -12.50 -30.30
CA THR A 502 20.13 -11.81 -29.35
C THR A 502 21.54 -11.88 -29.87
N GLY A 503 21.90 -13.08 -30.33
CA GLY A 503 23.29 -13.29 -30.78
C GLY A 503 23.66 -12.39 -31.96
N ALA A 504 22.79 -12.34 -32.95
CA ALA A 504 23.07 -11.51 -34.12
C ALA A 504 23.48 -10.11 -33.65
N HIS A 505 22.61 -9.42 -32.89
CA HIS A 505 22.88 -8.01 -32.51
C HIS A 505 24.12 -7.75 -31.67
N VAL A 506 24.51 -8.69 -30.85
CA VAL A 506 25.74 -8.50 -30.08
C VAL A 506 26.89 -8.40 -31.06
N LEU A 507 26.91 -9.36 -31.98
CA LEU A 507 27.96 -9.45 -33.01
C LEU A 507 28.14 -8.15 -33.78
N LEU A 508 27.01 -7.50 -34.07
CA LEU A 508 26.97 -6.16 -34.66
C LEU A 508 27.62 -5.04 -33.83
N GLY A 509 28.09 -5.35 -32.61
CA GLY A 509 28.76 -4.37 -31.72
C GLY A 509 27.82 -3.46 -30.94
N LYS A 510 26.53 -3.84 -30.95
CA LYS A 510 25.46 -3.04 -30.37
C LYS A 510 25.23 -3.10 -28.83
N ILE A 511 26.02 -3.91 -28.13
CA ILE A 511 25.86 -4.23 -26.70
C ILE A 511 27.15 -3.80 -26.06
N LEU A 512 27.08 -3.36 -24.81
CA LEU A 512 28.27 -2.88 -24.11
C LEU A 512 28.52 -3.81 -22.93
N GLN A 513 29.67 -4.48 -22.95
CA GLN A 513 29.92 -5.66 -22.12
C GLN A 513 28.69 -6.66 -22.20
N ASN A 514 27.91 -6.82 -21.14
CA ASN A 514 26.57 -7.46 -21.27
C ASN A 514 25.39 -6.55 -20.96
N HIS A 515 25.54 -5.28 -21.28
CA HIS A 515 24.43 -4.36 -21.13
C HIS A 515 24.02 -3.76 -22.50
N MET A 516 22.72 -3.60 -22.70
CA MET A 516 22.18 -2.70 -23.69
C MET A 516 22.01 -1.29 -23.12
N LEU A 517 23.03 -0.49 -23.31
CA LEU A 517 23.03 0.93 -23.03
C LEU A 517 21.95 1.76 -23.74
N ASP A 518 21.85 1.59 -25.05
CA ASP A 518 21.13 2.53 -25.88
C ASP A 518 19.72 2.12 -26.01
N LEU A 519 19.06 1.86 -24.90
CA LEU A 519 17.65 1.44 -24.97
C LEU A 519 16.71 2.66 -24.99
N ARG A 520 15.49 2.40 -25.42
CA ARG A 520 14.44 3.40 -25.43
C ARG A 520 13.75 3.29 -24.10
N ILE A 521 13.78 4.35 -23.31
CA ILE A 521 13.07 4.37 -22.02
C ILE A 521 11.57 4.41 -22.18
N SER A 522 10.91 3.26 -22.07
CA SER A 522 9.49 3.26 -22.40
C SER A 522 8.56 2.87 -21.29
N ASN A 523 9.10 2.61 -20.11
CA ASN A 523 8.30 2.39 -18.88
C ASN A 523 9.17 2.70 -17.71
N SER A 524 8.62 2.63 -16.52
CA SER A 524 9.38 3.08 -15.35
C SER A 524 10.60 2.19 -15.08
N LYS A 525 10.41 0.89 -15.28
CA LYS A 525 11.53 -0.07 -15.08
C LYS A 525 12.73 0.28 -15.94
N LEU A 526 12.49 0.69 -17.18
CA LEU A 526 13.58 0.98 -18.08
C LEU A 526 14.19 2.31 -17.64
N PHE A 527 13.36 3.21 -17.12
CA PHE A 527 13.88 4.45 -16.56
C PHE A 527 14.85 4.04 -15.47
N TRP A 528 14.45 3.15 -14.54
CA TRP A 528 15.42 2.80 -13.49
C TRP A 528 16.64 2.12 -14.04
N ARG A 529 16.48 1.30 -15.09
CA ARG A 529 17.64 0.57 -15.65
C ARG A 529 18.60 1.58 -16.23
N ALA A 530 18.05 2.60 -16.86
CA ALA A 530 18.90 3.67 -17.42
C ALA A 530 19.73 4.35 -16.34
N LEU A 531 19.04 4.86 -15.33
CA LEU A 531 19.73 5.46 -14.20
C LEU A 531 20.83 4.57 -13.63
N ALA A 532 20.50 3.32 -13.34
CA ALA A 532 21.49 2.39 -12.80
C ALA A 532 22.73 2.26 -13.73
N MET A 533 22.48 2.20 -15.04
CA MET A 533 23.55 2.06 -16.00
C MET A 533 24.39 3.34 -16.03
N LEU A 534 23.78 4.51 -15.93
CA LEU A 534 24.58 5.73 -15.80
C LEU A 534 25.46 5.70 -14.56
N GLN A 535 24.91 5.29 -13.41
CA GLN A 535 25.77 5.16 -12.23
C GLN A 535 26.92 4.17 -12.46
N ARG A 536 26.63 3.01 -13.04
CA ARG A 536 27.64 1.95 -13.16
C ARG A 536 28.82 2.39 -14.03
N PHE A 537 28.52 3.05 -15.14
CA PHE A 537 29.55 3.38 -16.12
C PHE A 537 30.24 4.69 -15.86
N SER A 538 29.56 5.66 -15.26
CA SER A 538 30.20 6.94 -14.92
C SER A 538 30.95 6.86 -13.60
N GLY A 539 30.45 6.09 -12.65
CA GLY A 539 31.04 6.02 -11.32
C GLY A 539 30.77 7.26 -10.49
N GLN A 540 29.95 8.17 -11.02
CA GLN A 540 29.69 9.48 -10.44
C GLN A 540 28.41 9.43 -9.59
N SER A 541 28.11 10.50 -8.86
CA SER A 541 27.08 10.45 -7.84
C SER A 541 25.69 10.23 -8.48
N LYS A 542 24.81 9.71 -7.63
CA LYS A 542 23.40 9.58 -7.93
C LYS A 542 22.76 10.84 -8.46
N ALA A 543 23.04 11.96 -7.80
CA ALA A 543 22.38 13.24 -8.13
C ALA A 543 22.85 13.78 -9.49
N ARG A 544 24.11 13.54 -9.81
CA ARG A 544 24.63 13.91 -11.12
C ARG A 544 24.00 13.05 -12.23
N CYS A 545 23.95 11.74 -12.00
CA CYS A 545 23.38 10.83 -12.99
C CYS A 545 21.93 11.19 -13.20
N ILE A 546 21.20 11.39 -12.13
CA ILE A 546 19.80 11.78 -12.29
C ILE A 546 19.75 13.07 -13.07
N GLU A 547 20.59 14.02 -12.71
CA GLU A 547 20.62 15.31 -13.42
C GLU A 547 20.90 15.11 -14.92
N SER A 548 21.93 14.35 -15.25
CA SER A 548 22.26 14.19 -16.66
C SER A 548 21.13 13.49 -17.42
N LEU A 549 20.54 12.46 -16.81
CA LEU A 549 19.39 11.76 -17.41
C LEU A 549 18.21 12.67 -17.67
N LEU A 550 17.78 13.45 -16.67
CA LEU A 550 16.61 14.32 -16.88
C LEU A 550 16.96 15.44 -17.85
N ARG A 551 18.18 15.90 -17.84
CA ARG A 551 18.54 16.92 -18.84
C ARG A 551 18.44 16.30 -20.25
N ALA A 552 19.12 15.17 -20.47
CA ALA A 552 19.05 14.48 -21.75
C ALA A 552 17.59 14.19 -22.17
N ILE A 553 16.78 13.64 -21.27
CA ILE A 553 15.39 13.41 -21.64
C ILE A 553 14.69 14.66 -22.08
N HIS A 554 14.84 15.74 -21.32
CA HIS A 554 13.99 16.92 -21.54
C HIS A 554 14.63 17.96 -22.37
N PHE A 555 15.92 17.83 -22.68
CA PHE A 555 16.52 18.75 -23.66
C PHE A 555 15.56 18.98 -24.81
N PRO A 556 15.38 20.24 -25.25
CA PRO A 556 16.01 21.52 -24.89
C PRO A 556 15.45 22.25 -23.65
N GLN A 557 14.37 21.76 -23.05
CA GLN A 557 13.91 22.32 -21.78
C GLN A 557 14.96 22.10 -20.71
N PRO A 558 15.19 23.09 -19.83
CA PRO A 558 16.05 22.91 -18.64
C PRO A 558 15.34 22.34 -17.43
N LEU A 559 16.11 21.71 -16.55
CA LEU A 559 15.62 21.34 -15.21
C LEU A 559 14.92 22.42 -14.38
N SER A 560 13.61 22.42 -14.41
CA SER A 560 12.80 23.24 -13.51
C SER A 560 12.53 22.39 -12.31
N ASP A 561 11.99 22.99 -11.26
CA ASP A 561 11.64 22.23 -10.04
C ASP A 561 10.51 21.24 -10.31
N ASP A 562 9.60 21.60 -11.21
CA ASP A 562 8.45 20.75 -11.53
C ASP A 562 8.95 19.48 -12.18
N ILE A 563 9.92 19.64 -13.10
CA ILE A 563 10.45 18.53 -13.83
C ILE A 563 11.15 17.65 -12.87
N ARG A 564 11.92 18.22 -11.94
CA ARG A 564 12.62 17.37 -10.95
C ARG A 564 11.68 16.52 -10.10
N ALA A 565 10.51 17.07 -9.79
CA ALA A 565 9.58 16.47 -8.85
C ALA A 565 8.49 15.70 -9.59
N ALA A 566 8.54 15.67 -10.92
CA ALA A 566 7.49 15.03 -11.68
C ALA A 566 7.54 13.50 -11.47
N PRO A 567 6.37 12.84 -11.57
CA PRO A 567 6.34 11.40 -11.46
C PRO A 567 7.03 10.75 -12.66
N ILE A 568 7.63 9.58 -12.44
CA ILE A 568 8.52 9.00 -13.43
C ILE A 568 7.84 8.86 -14.81
N SER A 569 6.54 8.66 -14.85
CA SER A 569 5.85 8.57 -16.15
C SER A 569 5.98 9.79 -17.03
N CYS A 570 6.24 10.94 -16.41
CA CYS A 570 6.45 12.14 -17.18
C CYS A 570 7.79 12.05 -17.97
N HIS A 571 8.82 11.56 -17.34
CA HIS A 571 10.05 11.37 -18.06
C HIS A 571 9.90 10.26 -19.10
N VAL A 572 9.29 9.14 -18.69
CA VAL A 572 9.09 8.01 -19.61
C VAL A 572 8.44 8.56 -20.85
N GLN A 573 7.31 9.20 -20.69
CA GLN A 573 6.52 9.60 -21.84
C GLN A 573 7.30 10.45 -22.86
N VAL A 574 8.24 11.28 -22.38
CA VAL A 574 9.04 12.19 -23.21
C VAL A 574 10.25 11.49 -23.80
N ALA A 575 10.96 10.75 -22.96
CA ALA A 575 12.07 9.88 -23.40
C ALA A 575 11.67 8.86 -24.49
N HIS A 576 10.46 8.33 -24.39
CA HIS A 576 10.00 7.31 -25.31
C HIS A 576 10.13 7.76 -26.75
N GLU A 577 10.08 9.08 -26.93
CA GLU A 577 10.07 9.70 -28.24
C GLU A 577 11.47 10.08 -28.74
N LYS A 578 12.48 9.95 -27.91
CA LYS A 578 13.80 10.45 -28.33
C LYS A 578 14.76 9.31 -28.70
N GLU A 579 15.93 9.67 -29.20
CA GLU A 579 16.95 8.75 -29.64
C GLU A 579 18.21 9.03 -28.87
N GLN A 580 18.97 7.99 -28.54
CA GLN A 580 20.27 8.13 -27.90
C GLN A 580 20.25 8.85 -26.55
N VAL A 581 19.10 8.91 -25.92
CA VAL A 581 18.98 9.48 -24.60
C VAL A 581 20.10 9.03 -23.68
N ILE A 582 20.16 7.74 -23.40
CA ILE A 582 21.17 7.30 -22.46
C ILE A 582 22.61 7.58 -22.86
N PRO A 583 22.93 7.45 -24.14
CA PRO A 583 24.35 7.71 -24.43
C PRO A 583 24.72 9.20 -24.28
N ILE A 584 23.82 10.06 -24.67
CA ILE A 584 24.04 11.49 -24.52
C ILE A 584 24.21 11.80 -23.03
N ALA A 585 23.43 11.15 -22.18
CA ALA A 585 23.53 11.43 -20.77
C ALA A 585 24.84 10.95 -20.26
N LEU A 586 25.27 9.76 -20.64
CA LEU A 586 26.56 9.27 -20.19
C LEU A 586 27.68 10.17 -20.70
N LEU A 587 27.58 10.56 -21.96
CA LEU A 587 28.61 11.42 -22.54
C LEU A 587 28.69 12.72 -21.73
N SER A 588 27.55 13.37 -21.50
CA SER A 588 27.52 14.59 -20.67
C SER A 588 28.34 14.45 -19.42
N LEU A 589 28.20 13.30 -18.78
CA LEU A 589 28.84 13.01 -17.53
C LEU A 589 30.31 12.77 -17.66
N LEU A 590 30.71 12.01 -18.68
CA LEU A 590 32.11 11.60 -18.81
C LEU A 590 32.98 12.80 -19.16
N PHE A 591 32.53 13.60 -20.13
CA PHE A 591 33.17 14.90 -20.46
C PHE A 591 32.86 16.08 -19.49
N ARG A 592 32.00 15.84 -18.51
CA ARG A 592 31.58 16.86 -17.55
C ARG A 592 31.13 18.09 -18.27
N CYS A 593 30.30 17.88 -19.29
CA CYS A 593 29.88 18.94 -20.20
C CYS A 593 28.37 18.95 -20.36
N SER A 594 27.87 19.86 -21.18
CA SER A 594 26.44 20.03 -21.35
C SER A 594 25.83 19.10 -22.40
N ILE A 595 24.51 19.11 -22.50
CA ILE A 595 23.81 18.33 -23.46
C ILE A 595 24.11 18.81 -24.90
N THR A 596 24.29 20.11 -25.06
CA THR A 596 24.55 20.67 -26.38
C THR A 596 25.93 20.17 -26.86
N GLU A 597 26.86 20.08 -25.91
CA GLU A 597 28.25 19.69 -26.17
C GLU A 597 28.37 18.18 -26.44
N ALA A 598 27.53 17.39 -25.82
CA ALA A 598 27.63 15.95 -25.90
C ALA A 598 26.95 15.48 -27.16
N GLN A 599 25.82 16.09 -27.50
CA GLN A 599 25.15 15.89 -28.77
C GLN A 599 26.05 16.19 -29.95
N ALA A 600 26.78 17.30 -29.85
CA ALA A 600 27.64 17.72 -30.94
C ALA A 600 28.80 16.74 -31.04
N HIS A 601 29.25 16.25 -29.89
CA HIS A 601 30.36 15.32 -29.85
C HIS A 601 29.95 14.01 -30.47
N LEU A 602 28.76 13.58 -30.12
CA LEU A 602 28.24 12.35 -30.64
C LEU A 602 28.16 12.44 -32.16
N ALA A 603 27.45 13.45 -32.66
CA ALA A 603 27.33 13.71 -34.08
C ALA A 603 28.71 13.67 -34.81
N ALA A 604 29.78 13.98 -34.10
CA ALA A 604 31.15 13.95 -34.63
C ALA A 604 31.80 12.55 -34.66
N ALA A 605 31.31 11.59 -33.87
CA ALA A 605 31.91 10.26 -33.91
C ALA A 605 31.34 9.43 -35.10
N PRO A 606 32.08 8.41 -35.53
CA PRO A 606 31.50 7.51 -36.57
C PRO A 606 30.15 6.87 -36.20
N SER A 607 29.97 6.47 -34.94
CA SER A 607 28.72 5.85 -34.53
C SER A 607 28.50 6.02 -33.03
N VAL A 608 27.25 5.90 -32.58
CA VAL A 608 27.00 5.84 -31.14
C VAL A 608 28.08 5.04 -30.41
N CYS A 609 28.21 3.76 -30.78
CA CYS A 609 28.94 2.78 -29.97
C CYS A 609 30.43 3.13 -29.85
N GLU A 610 30.98 3.77 -30.88
CA GLU A 610 32.38 4.19 -30.84
C GLU A 610 32.48 5.44 -29.95
N ALA A 611 31.53 6.35 -30.08
CA ALA A 611 31.48 7.51 -29.17
C ALA A 611 31.58 7.04 -27.72
N VAL A 612 30.72 6.11 -27.36
CA VAL A 612 30.64 5.65 -25.99
C VAL A 612 31.92 4.94 -25.64
N ARG A 613 32.24 3.87 -26.36
CA ARG A 613 33.48 3.10 -26.08
C ARG A 613 34.70 4.00 -25.96
N SER A 614 34.86 4.86 -26.95
CA SER A 614 35.90 5.87 -26.95
C SER A 614 35.84 6.64 -25.63
N ALA A 615 34.74 7.33 -25.36
CA ALA A 615 34.60 8.05 -24.07
C ALA A 615 34.95 7.22 -22.80
N LEU A 616 34.64 5.93 -22.77
CA LEU A 616 35.07 5.15 -21.61
C LEU A 616 36.60 5.07 -21.43
N ALA A 617 37.35 4.97 -22.53
CA ALA A 617 38.84 4.81 -22.49
C ALA A 617 39.59 5.68 -21.45
N MET B 12 15.05 -12.85 11.66
CA MET B 12 14.55 -13.73 12.76
C MET B 12 13.03 -13.60 12.85
N PRO B 13 12.37 -14.44 13.68
CA PRO B 13 10.91 -14.34 13.75
C PRO B 13 10.49 -13.20 14.71
N GLY B 14 9.78 -12.23 14.16
CA GLY B 14 9.41 -11.02 14.89
C GLY B 14 10.06 -9.78 14.30
N THR B 15 11.20 -9.95 13.64
CA THR B 15 11.90 -8.79 13.10
C THR B 15 11.03 -7.89 12.18
N LYS B 16 10.24 -8.50 11.30
CA LYS B 16 9.36 -7.73 10.40
C LYS B 16 8.34 -6.89 11.17
N ARG B 17 7.52 -7.57 11.97
CA ARG B 17 6.49 -6.91 12.78
C ARG B 17 7.04 -5.71 13.55
N PHE B 18 8.30 -5.81 13.98
CA PHE B 18 8.90 -4.82 14.87
C PHE B 18 9.96 -3.91 14.23
N GLN B 19 10.08 -3.99 12.90
CA GLN B 19 11.11 -3.26 12.12
C GLN B 19 10.99 -1.76 12.25
N HIS B 20 9.77 -1.26 12.20
CA HIS B 20 9.50 0.20 12.24
C HIS B 20 9.77 0.85 13.60
N VAL B 21 9.93 0.05 14.66
CA VAL B 21 10.16 0.61 15.97
C VAL B 21 11.61 1.07 16.05
N ILE B 22 11.81 2.35 16.30
CA ILE B 22 13.14 2.88 16.53
C ILE B 22 13.69 2.38 17.87
N GLU B 23 15.03 2.24 17.94
CA GLU B 23 15.73 1.63 19.10
C GLU B 23 15.78 2.59 20.29
N THR B 24 15.85 2.04 21.49
CA THR B 24 15.87 2.85 22.67
C THR B 24 17.20 3.58 22.73
N PRO B 25 17.20 4.93 22.80
CA PRO B 25 18.43 5.71 22.93
C PRO B 25 19.16 5.49 24.24
N GLU B 26 20.45 5.84 24.31
CA GLU B 26 21.20 5.80 25.56
C GLU B 26 20.85 7.05 26.35
N PRO B 27 21.03 7.01 27.71
CA PRO B 27 20.66 8.15 28.56
C PRO B 27 21.23 9.45 28.04
N GLY B 28 20.41 10.50 28.03
CA GLY B 28 20.85 11.78 27.53
C GLY B 28 21.12 11.84 26.02
N LYS B 29 20.92 10.73 25.29
CA LYS B 29 21.00 10.78 23.83
C LYS B 29 19.61 10.71 23.14
N TRP B 30 18.52 10.90 23.89
CA TRP B 30 17.19 10.78 23.27
C TRP B 30 17.05 11.77 22.12
N GLU B 31 17.32 13.05 22.41
CA GLU B 31 17.31 14.13 21.39
C GLU B 31 18.26 13.84 20.25
N LEU B 32 19.55 13.69 20.58
CA LEU B 32 20.59 13.58 19.55
C LEU B 32 20.47 12.36 18.62
N SER B 33 19.89 11.26 19.11
CA SER B 33 19.58 10.11 18.25
C SER B 33 18.48 10.40 17.20
N GLY B 34 17.61 11.39 17.44
CA GLY B 34 16.47 11.67 16.54
C GLY B 34 15.34 10.67 16.71
N TYR B 35 15.20 10.16 17.93
CA TYR B 35 14.06 9.36 18.32
C TYR B 35 12.88 10.34 18.61
N GLU B 36 13.13 11.37 19.45
CA GLU B 36 12.13 12.44 19.69
C GLU B 36 11.54 12.95 18.43
N ALA B 37 12.41 13.30 17.49
CA ALA B 37 11.99 13.88 16.21
C ALA B 37 11.04 12.96 15.49
N ALA B 38 11.19 11.66 15.65
CA ALA B 38 10.26 10.71 15.05
C ALA B 38 9.00 10.42 15.88
N VAL B 39 8.95 10.83 17.14
CA VAL B 39 7.70 10.60 17.89
C VAL B 39 6.67 11.52 17.26
N PRO B 40 5.50 10.98 16.94
CA PRO B 40 4.48 11.85 16.31
C PRO B 40 3.93 12.91 17.26
N ILE B 41 3.57 14.07 16.73
CA ILE B 41 3.13 15.17 17.65
C ILE B 41 1.98 14.70 18.50
N THR B 42 1.06 13.96 17.91
CA THR B 42 -0.11 13.53 18.63
C THR B 42 0.26 12.60 19.75
N GLU B 43 1.45 11.99 19.67
CA GLU B 43 1.92 11.14 20.78
C GLU B 43 2.86 11.77 21.78
N LYS B 44 3.51 12.88 21.45
CA LYS B 44 4.56 13.37 22.35
C LYS B 44 4.07 13.64 23.75
N SER B 45 5.02 13.79 24.67
CA SER B 45 4.75 14.32 26.00
C SER B 45 4.73 15.84 25.88
N ASN B 46 3.73 16.49 26.45
CA ASN B 46 3.69 17.94 26.42
C ASN B 46 4.52 18.54 27.56
N PRO B 47 5.54 19.32 27.24
CA PRO B 47 6.39 19.89 28.31
C PRO B 47 5.59 20.65 29.40
N LEU B 48 4.48 21.25 29.01
CA LEU B 48 3.65 21.89 29.99
C LEU B 48 3.13 20.93 31.07
N THR B 49 3.05 19.65 30.78
CA THR B 49 2.41 18.72 31.72
C THR B 49 3.40 17.71 32.37
N GLN B 50 4.69 17.99 32.32
CA GLN B 50 5.69 17.06 32.83
C GLN B 50 5.49 16.70 34.30
N ASP B 51 5.03 17.67 35.09
CA ASP B 51 4.74 17.39 36.50
C ASP B 51 3.25 17.52 36.80
N LEU B 52 2.46 16.95 35.90
CA LEU B 52 1.02 16.94 36.05
C LEU B 52 0.61 16.03 37.21
N ASP B 53 1.31 14.90 37.36
CA ASP B 53 1.08 13.99 38.48
C ASP B 53 1.39 14.65 39.82
N LYS B 54 2.05 15.81 39.80
CA LYS B 54 2.40 16.51 41.05
C LYS B 54 1.61 17.79 41.24
N ALA B 55 0.65 18.06 40.36
CA ALA B 55 -0.10 19.31 40.41
C ALA B 55 -1.44 19.14 41.12
N ASP B 56 -1.85 20.20 41.81
CA ASP B 56 -3.18 20.32 42.44
C ASP B 56 -4.23 20.74 41.43
N ALA B 57 -5.49 20.75 41.85
CA ALA B 57 -6.59 21.00 40.94
C ALA B 57 -6.43 22.32 40.21
N GLU B 58 -6.27 23.41 40.97
CA GLU B 58 -6.27 24.73 40.32
C GLU B 58 -5.21 24.76 39.19
N ASN B 59 -4.05 24.19 39.46
CA ASN B 59 -2.97 24.04 38.47
C ASN B 59 -3.30 23.10 37.28
N ILE B 60 -3.84 21.93 37.57
CA ILE B 60 -4.33 21.03 36.52
C ILE B 60 -5.24 21.78 35.53
N VAL B 61 -6.19 22.55 36.06
CA VAL B 61 -7.11 23.31 35.19
C VAL B 61 -6.39 24.39 34.35
N ARG B 62 -5.35 24.98 34.92
CA ARG B 62 -4.57 26.00 34.25
C ARG B 62 -3.78 25.32 33.12
N LEU B 63 -2.99 24.30 33.48
CA LEU B 63 -2.13 23.59 32.51
C LEU B 63 -2.93 23.01 31.34
N LEU B 64 -4.00 22.31 31.64
CA LEU B 64 -4.84 21.77 30.56
C LEU B 64 -5.38 22.89 29.75
N GLY B 65 -5.72 24.00 30.43
CA GLY B 65 -6.22 25.18 29.75
C GLY B 65 -5.22 25.70 28.75
N GLN B 66 -3.97 25.82 29.19
CA GLN B 66 -2.91 26.23 28.27
C GLN B 66 -2.69 25.16 27.18
N CYS B 67 -2.89 23.87 27.52
CA CYS B 67 -2.84 22.81 26.50
C CYS B 67 -3.88 23.02 25.38
N ASP B 68 -5.15 23.23 25.72
CA ASP B 68 -6.19 23.52 24.69
C ASP B 68 -5.95 24.82 23.92
N ALA B 69 -5.33 25.79 24.55
CA ALA B 69 -5.07 27.05 23.87
C ALA B 69 -4.15 26.85 22.68
N GLU B 70 -3.23 25.87 22.82
CA GLU B 70 -2.25 25.53 21.77
C GLU B 70 -2.99 25.19 20.47
N ILE B 71 -4.21 24.70 20.55
CA ILE B 71 -5.01 24.56 19.32
C ILE B 71 -4.98 25.79 18.43
N PHE B 72 -5.08 26.99 19.02
CA PHE B 72 -5.20 28.28 18.27
C PHE B 72 -3.92 29.10 18.19
N GLN B 73 -2.86 28.66 18.84
CA GLN B 73 -1.55 29.29 18.64
C GLN B 73 -1.11 29.36 17.15
N GLU B 74 -0.37 30.41 16.80
CA GLU B 74 0.06 30.62 15.42
C GLU B 74 1.43 30.06 15.16
N GLU B 75 1.78 29.88 13.88
CA GLU B 75 3.11 29.39 13.50
C GLU B 75 4.16 30.43 13.87
N GLY B 76 5.17 30.02 14.63
CA GLY B 76 6.36 30.83 14.89
C GLY B 76 7.41 30.35 13.91
N GLN B 77 8.69 30.62 14.21
CA GLN B 77 9.79 30.36 13.25
C GLN B 77 11.04 29.76 13.88
N SER B 80 11.30 25.00 8.89
CA SER B 80 11.53 25.53 10.22
C SER B 80 10.63 24.80 11.22
N THR B 81 9.33 25.08 11.18
CA THR B 81 8.37 24.47 12.13
C THR B 81 7.06 24.16 11.38
N TYR B 82 6.09 23.50 12.04
CA TYR B 82 4.93 22.93 11.27
C TYR B 82 3.73 23.84 11.07
N GLN B 83 2.94 23.50 10.06
CA GLN B 83 1.81 24.29 9.66
C GLN B 83 0.77 24.23 10.80
N ARG B 84 0.11 25.37 11.09
CA ARG B 84 -0.84 25.45 12.18
C ARG B 84 -2.22 25.91 11.74
N LEU B 85 -3.18 25.85 12.66
CA LEU B 85 -4.58 26.15 12.32
C LEU B 85 -4.80 27.44 11.52
N TYR B 86 -4.10 28.51 11.87
CA TYR B 86 -4.28 29.81 11.24
C TYR B 86 -3.31 30.02 10.04
N SER B 87 -2.42 29.05 9.78
CA SER B 87 -1.52 29.17 8.63
C SER B 87 -2.27 29.23 7.29
N GLU B 88 -1.67 29.90 6.34
CA GLU B 88 -2.31 30.20 5.07
C GLU B 88 -2.63 28.94 4.24
N SER B 89 -1.72 27.98 4.27
CA SER B 89 -1.96 26.75 3.50
C SER B 89 -3.20 26.03 4.07
N ILE B 90 -3.31 26.01 5.39
CA ILE B 90 -4.46 25.39 6.02
C ILE B 90 -5.77 26.15 5.75
N LEU B 91 -5.76 27.49 5.81
CA LEU B 91 -7.01 28.23 5.52
C LEU B 91 -7.41 28.03 4.09
N THR B 92 -6.43 27.94 3.21
CA THR B 92 -6.69 27.68 1.80
C THR B 92 -7.28 26.28 1.59
N THR B 93 -6.76 25.28 2.29
CA THR B 93 -7.37 24.00 2.18
C THR B 93 -8.78 23.99 2.74
N MET B 94 -8.96 24.59 3.91
CA MET B 94 -10.31 24.70 4.48
C MET B 94 -11.24 25.31 3.43
N VAL B 95 -10.82 26.41 2.83
CA VAL B 95 -11.72 27.08 1.92
C VAL B 95 -12.00 26.29 0.63
N GLN B 96 -11.03 25.56 0.10
CA GLN B 96 -11.27 24.78 -1.12
C GLN B 96 -12.18 23.62 -0.80
N VAL B 97 -12.06 23.07 0.41
CA VAL B 97 -12.99 22.01 0.79
C VAL B 97 -14.41 22.55 0.92
N ALA B 98 -14.59 23.62 1.70
CA ALA B 98 -15.90 24.36 1.70
C ALA B 98 -16.51 24.44 0.32
N GLY B 99 -15.72 24.88 -0.66
CA GLY B 99 -16.18 25.02 -2.04
C GLY B 99 -16.59 23.71 -2.68
N LYS B 100 -15.92 22.62 -2.30
CA LYS B 100 -16.33 21.31 -2.84
C LYS B 100 -17.62 20.83 -2.20
N VAL B 101 -17.78 21.16 -0.93
CA VAL B 101 -19.05 20.85 -0.27
C VAL B 101 -20.17 21.68 -0.91
N GLN B 102 -19.85 22.91 -1.30
CA GLN B 102 -20.84 23.76 -1.99
C GLN B 102 -21.30 23.21 -3.35
N GLU B 103 -20.39 22.64 -4.15
CA GLU B 103 -20.82 22.03 -5.40
C GLU B 103 -21.84 20.92 -5.11
N VAL B 104 -21.73 20.32 -3.94
CA VAL B 104 -22.60 19.21 -3.60
C VAL B 104 -23.88 19.77 -2.99
N LEU B 105 -23.77 20.84 -2.23
CA LEU B 105 -24.95 21.55 -1.74
C LEU B 105 -25.88 21.98 -2.88
N LYS B 106 -25.31 22.30 -4.05
CA LYS B 106 -26.07 22.91 -5.18
C LYS B 106 -26.70 21.90 -6.11
N GLU B 107 -26.20 20.66 -6.09
CA GLU B 107 -26.78 19.59 -6.90
C GLU B 107 -26.89 18.37 -6.04
N PRO B 108 -27.91 18.36 -5.13
CA PRO B 108 -28.13 17.34 -4.10
C PRO B 108 -28.62 15.97 -4.59
N ASP B 109 -28.93 15.84 -5.86
CA ASP B 109 -29.43 14.59 -6.35
C ASP B 109 -28.28 13.57 -6.44
N GLY B 110 -28.28 12.62 -5.52
CA GLY B 110 -27.25 11.59 -5.47
C GLY B 110 -25.98 12.08 -4.79
N GLY B 111 -26.09 13.18 -4.06
CA GLY B 111 -24.94 13.75 -3.42
C GLY B 111 -24.98 13.29 -2.00
N LEU B 112 -23.82 13.06 -1.40
CA LEU B 112 -23.71 12.68 0.01
C LEU B 112 -22.49 13.31 0.64
N VAL B 113 -22.54 13.59 1.96
CA VAL B 113 -21.33 14.04 2.65
C VAL B 113 -21.13 13.15 3.87
N VAL B 114 -20.01 12.41 3.88
CA VAL B 114 -19.75 11.44 4.91
C VAL B 114 -18.68 11.93 5.83
N LEU B 115 -18.88 11.82 7.12
CA LEU B 115 -17.89 12.17 8.11
C LEU B 115 -17.62 10.84 8.84
N SER B 116 -16.34 10.44 9.02
CA SER B 116 -15.99 9.09 9.48
C SER B 116 -14.78 8.97 10.40
N GLY B 117 -14.80 8.01 11.31
CA GLY B 117 -13.71 7.83 12.26
C GLY B 117 -13.92 6.81 13.34
N GLY B 118 -12.91 6.63 14.15
CA GLY B 118 -13.00 5.63 15.21
C GLY B 118 -12.95 6.33 16.52
N GLY B 119 -13.53 5.73 17.55
CA GLY B 119 -13.46 6.34 18.87
C GLY B 119 -13.99 7.76 18.71
N THR B 120 -13.31 8.71 19.37
CA THR B 120 -13.83 10.04 19.52
C THR B 120 -13.89 10.69 18.18
N SER B 121 -13.02 10.31 17.26
CA SER B 121 -13.13 10.92 15.93
C SER B 121 -14.46 10.57 15.36
N GLY B 122 -14.94 9.36 15.61
CA GLY B 122 -16.24 8.93 15.14
C GLY B 122 -17.40 9.56 15.95
N ARG B 123 -17.23 9.70 17.25
CA ARG B 123 -18.19 10.42 18.03
C ARG B 123 -18.38 11.85 17.50
N MET B 124 -17.29 12.51 17.12
CA MET B 124 -17.43 13.87 16.63
C MET B 124 -18.09 13.89 15.27
N ALA B 125 -17.93 12.84 14.48
CA ALA B 125 -18.60 12.74 13.22
C ALA B 125 -20.12 12.66 13.42
N PHE B 126 -20.56 11.87 14.37
CA PHE B 126 -21.99 11.76 14.67
C PHE B 126 -22.58 13.14 15.02
N LEU B 127 -22.03 13.84 16.01
CA LEU B 127 -22.58 15.13 16.39
C LEU B 127 -22.69 16.08 15.23
N MET B 128 -21.60 16.19 14.49
CA MET B 128 -21.56 17.21 13.50
C MET B 128 -22.54 16.88 12.41
N SER B 129 -22.76 15.59 12.16
CA SER B 129 -23.65 15.20 11.10
C SER B 129 -25.14 15.47 11.47
N VAL B 130 -25.49 15.28 12.74
CA VAL B 130 -26.76 15.63 13.24
C VAL B 130 -26.97 17.15 13.11
N SER B 131 -25.98 17.94 13.53
CA SER B 131 -26.10 19.39 13.48
C SER B 131 -26.26 19.93 12.09
N PHE B 132 -25.57 19.38 11.12
CA PHE B 132 -25.66 20.00 9.81
C PHE B 132 -26.83 19.45 9.04
N ASN B 133 -27.26 18.25 9.39
CA ASN B 133 -28.57 17.80 8.94
C ASN B 133 -29.75 18.65 9.52
N GLN B 134 -29.69 19.07 10.80
CA GLN B 134 -30.66 19.99 11.34
C GLN B 134 -30.74 21.28 10.49
N LEU B 135 -29.60 21.89 10.27
CA LEU B 135 -29.50 23.05 9.41
C LEU B 135 -30.21 22.86 8.11
N MET B 136 -29.84 21.87 7.32
CA MET B 136 -30.47 21.76 6.00
C MET B 136 -32.01 21.54 6.11
N LYS B 137 -32.45 20.98 7.23
CA LYS B 137 -33.87 20.76 7.49
C LYS B 137 -34.49 22.12 7.79
N GLY B 138 -33.93 22.84 8.75
CA GLY B 138 -34.22 24.25 8.96
C GLY B 138 -34.21 25.14 7.71
N LEU B 139 -34.00 24.58 6.50
CA LEU B 139 -34.25 25.32 5.26
C LEU B 139 -35.06 24.52 4.25
N GLY B 140 -35.77 23.49 4.71
CA GLY B 140 -36.49 22.59 3.81
C GLY B 140 -35.61 22.14 2.66
N GLN B 141 -34.38 21.75 3.01
CA GLN B 141 -33.48 21.10 2.06
C GLN B 141 -33.27 19.65 2.51
N LYS B 142 -33.12 18.75 1.55
CA LYS B 142 -32.95 17.32 1.84
C LYS B 142 -31.59 17.11 2.51
N PRO B 143 -31.56 16.46 3.69
CA PRO B 143 -30.34 16.36 4.49
C PRO B 143 -29.31 15.48 3.76
N LEU B 144 -28.04 15.89 3.73
CA LEU B 144 -27.05 15.15 2.97
C LEU B 144 -25.89 14.54 3.77
N TYR B 145 -25.83 14.79 5.07
CA TYR B 145 -24.75 14.31 5.89
C TYR B 145 -25.08 12.96 6.42
N THR B 146 -24.03 12.21 6.72
CA THR B 146 -24.16 11.05 7.56
C THR B 146 -22.83 10.80 8.21
N TYR B 147 -22.79 9.78 9.05
CA TYR B 147 -21.58 9.50 9.83
C TYR B 147 -21.30 8.01 9.78
N LEU B 148 -20.03 7.67 9.98
CA LEU B 148 -19.58 6.29 10.03
C LEU B 148 -18.64 6.24 11.20
N ILE B 149 -18.85 5.30 12.10
CA ILE B 149 -17.93 5.11 13.19
C ILE B 149 -17.54 3.62 13.23
N ALA B 150 -16.24 3.38 13.32
CA ALA B 150 -15.71 2.06 13.64
C ALA B 150 -16.60 1.38 14.67
N GLY B 151 -17.30 0.37 14.17
CA GLY B 151 -17.92 -0.66 14.96
C GLY B 151 -19.42 -0.56 14.86
N GLY B 152 -19.89 0.20 13.86
CA GLY B 152 -21.29 0.63 13.72
C GLY B 152 -21.82 1.56 14.82
N ASP B 153 -23.12 1.86 14.73
CA ASP B 153 -23.77 2.97 15.48
C ASP B 153 -23.50 2.95 16.96
N ARG B 154 -23.69 1.78 17.56
CA ARG B 154 -23.52 1.64 19.00
C ARG B 154 -22.15 2.10 19.50
N SER B 155 -21.15 2.18 18.62
CA SER B 155 -19.84 2.64 19.06
C SER B 155 -19.94 4.08 19.58
N VAL B 156 -20.89 4.84 19.02
CA VAL B 156 -21.06 6.24 19.36
C VAL B 156 -21.09 6.47 20.85
N VAL B 157 -21.58 5.48 21.58
CA VAL B 157 -21.88 5.68 22.98
C VAL B 157 -21.25 4.65 23.93
N ALA B 158 -20.27 3.89 23.44
CA ALA B 158 -19.57 2.89 24.25
C ALA B 158 -18.07 2.94 24.04
N SER B 159 -17.33 2.39 24.98
CA SER B 159 -15.92 2.09 24.82
C SER B 159 -15.75 0.85 23.97
N ARG B 160 -15.30 1.01 22.72
CA ARG B 160 -15.03 -0.11 21.78
C ARG B 160 -13.76 0.15 20.92
N GLU B 161 -12.63 0.14 21.60
CA GLU B 161 -11.38 0.59 21.00
C GLU B 161 -10.84 -0.41 19.97
N GLY B 162 -11.28 -1.65 20.03
CA GLY B 162 -10.85 -2.71 19.06
C GLY B 162 -11.27 -2.54 17.63
N THR B 163 -12.31 -1.79 17.37
CA THR B 163 -12.95 -1.76 16.05
C THR B 163 -12.31 -0.92 14.96
N GLU B 164 -11.30 -0.14 15.30
CA GLU B 164 -10.65 0.79 14.34
C GLU B 164 -9.57 0.12 13.45
N ASP B 165 -9.24 -1.14 13.79
CA ASP B 165 -8.06 -1.84 13.24
C ASP B 165 -8.25 -2.47 11.85
N SER B 166 -9.45 -2.42 11.32
CA SER B 166 -9.70 -3.09 10.05
C SER B 166 -10.06 -2.07 9.02
N ALA B 167 -9.32 -2.09 7.91
CA ALA B 167 -9.57 -1.27 6.73
C ALA B 167 -10.74 -1.72 5.92
N LEU B 168 -10.98 -3.03 5.94
CA LEU B 168 -12.03 -3.60 5.14
C LEU B 168 -13.39 -3.27 5.82
N HIS B 169 -13.42 -3.33 7.14
CA HIS B 169 -14.61 -2.89 7.86
C HIS B 169 -14.91 -1.46 7.49
N GLY B 170 -13.86 -0.63 7.41
CA GLY B 170 -14.03 0.75 6.97
C GLY B 170 -14.61 0.91 5.60
N ILE B 171 -14.10 0.11 4.66
CA ILE B 171 -14.51 0.20 3.28
C ILE B 171 -15.91 -0.33 3.16
N GLU B 172 -16.28 -1.31 3.99
CA GLU B 172 -17.65 -1.93 3.93
C GLU B 172 -18.74 -0.90 4.33
N GLU B 173 -18.57 -0.29 5.49
CA GLU B 173 -19.45 0.71 5.98
C GLU B 173 -19.62 1.83 4.99
N LEU B 174 -18.56 2.14 4.25
CA LEU B 174 -18.59 3.23 3.28
C LEU B 174 -19.42 2.81 2.11
N LYS B 175 -19.26 1.56 1.67
CA LYS B 175 -20.11 1.10 0.58
C LYS B 175 -21.60 1.03 0.91
N LYS B 176 -21.97 0.76 2.17
CA LYS B 176 -23.39 0.69 2.56
C LYS B 176 -24.05 2.00 2.30
N VAL B 177 -23.35 3.06 2.60
CA VAL B 177 -23.91 4.40 2.57
C VAL B 177 -23.81 5.04 1.16
N ALA B 178 -22.73 4.78 0.45
CA ALA B 178 -22.51 5.37 -0.86
C ALA B 178 -23.21 4.66 -2.01
N ALA B 179 -23.98 3.61 -1.72
CA ALA B 179 -25.13 3.18 -2.56
C ALA B 179 -25.08 3.44 -4.08
N GLY B 180 -26.03 4.21 -4.58
CA GLY B 180 -26.04 4.59 -5.97
C GLY B 180 -25.88 6.09 -6.04
N LYS B 181 -24.98 6.62 -5.20
CA LYS B 181 -24.76 8.04 -5.16
C LYS B 181 -23.81 8.32 -6.30
N LYS B 182 -23.82 9.56 -6.78
CA LYS B 182 -23.02 9.95 -7.90
C LYS B 182 -21.86 10.83 -7.46
N ARG B 183 -22.04 11.55 -6.36
CA ARG B 183 -20.99 12.40 -5.76
C ARG B 183 -20.97 12.24 -4.25
N VAL B 184 -19.87 11.72 -3.72
CA VAL B 184 -19.72 11.58 -2.30
C VAL B 184 -18.48 12.31 -1.82
N ILE B 185 -18.63 13.10 -0.77
CA ILE B 185 -17.49 13.67 -0.07
C ILE B 185 -17.28 12.85 1.18
N VAL B 186 -16.06 12.33 1.34
CA VAL B 186 -15.74 11.50 2.47
C VAL B 186 -14.73 12.19 3.32
N ILE B 187 -15.13 12.58 4.51
CA ILE B 187 -14.24 13.30 5.37
C ILE B 187 -13.74 12.32 6.37
N GLY B 188 -12.48 11.90 6.19
CA GLY B 188 -11.91 10.86 7.00
C GLY B 188 -11.16 11.46 8.12
N ILE B 189 -11.49 11.11 9.35
CA ILE B 189 -10.91 11.80 10.51
C ILE B 189 -10.11 10.83 11.38
N SER B 190 -8.84 11.14 11.55
CA SER B 190 -8.02 10.37 12.44
C SER B 190 -6.96 11.32 12.93
N VAL B 191 -7.09 11.62 14.22
CA VAL B 191 -6.24 12.57 14.83
C VAL B 191 -4.80 12.21 14.54
N GLY B 192 -4.42 10.98 14.88
CA GLY B 192 -3.04 10.54 14.65
C GLY B 192 -2.59 10.35 13.19
N LEU B 193 -3.50 10.47 12.23
CA LEU B 193 -3.30 9.90 10.89
C LEU B 193 -2.89 8.42 11.13
N SER B 194 -3.84 7.69 11.71
CA SER B 194 -3.61 6.46 12.42
C SER B 194 -4.62 5.34 12.11
N ALA B 195 -5.91 5.64 11.91
CA ALA B 195 -6.88 4.56 11.96
C ALA B 195 -6.97 3.74 10.65
N PRO B 196 -6.73 2.44 10.77
CA PRO B 196 -6.95 1.60 9.56
C PRO B 196 -8.36 1.70 8.98
N PHE B 197 -9.38 1.77 9.85
CA PHE B 197 -10.75 2.10 9.43
C PHE B 197 -10.78 3.23 8.40
N VAL B 198 -10.11 4.34 8.67
CA VAL B 198 -10.07 5.45 7.70
C VAL B 198 -9.13 5.28 6.52
N ALA B 199 -7.97 4.69 6.77
CA ALA B 199 -6.97 4.54 5.72
C ALA B 199 -7.64 3.79 4.59
N GLY B 200 -8.36 2.73 4.92
CA GLY B 200 -9.07 2.01 3.86
C GLY B 200 -10.02 2.90 3.08
N GLN B 201 -10.83 3.66 3.83
CA GLN B 201 -11.85 4.49 3.17
C GLN B 201 -11.15 5.49 2.27
N MET B 202 -10.09 6.10 2.76
CA MET B 202 -9.43 7.09 1.93
C MET B 202 -8.92 6.43 0.65
N ASP B 203 -8.33 5.24 0.78
CA ASP B 203 -7.67 4.59 -0.38
C ASP B 203 -8.74 4.19 -1.40
N CYS B 204 -9.83 3.63 -0.91
CA CYS B 204 -11.01 3.34 -1.76
C CYS B 204 -11.37 4.56 -2.60
N CYS B 205 -11.37 5.75 -2.00
CA CYS B 205 -11.87 6.94 -2.69
C CYS B 205 -10.97 7.27 -3.83
N MET B 206 -9.65 7.27 -3.59
CA MET B 206 -8.71 7.60 -4.70
C MET B 206 -8.84 6.61 -5.88
N ASN B 207 -9.39 5.42 -5.64
CA ASN B 207 -9.61 4.44 -6.70
C ASN B 207 -10.87 4.72 -7.51
N ASN B 208 -11.72 5.65 -7.06
CA ASN B 208 -12.86 6.07 -7.87
C ASN B 208 -13.23 7.57 -7.64
N THR B 209 -12.48 8.47 -8.28
CA THR B 209 -12.69 9.90 -8.11
C THR B 209 -13.78 10.49 -9.00
N ALA B 210 -14.41 9.65 -9.81
CA ALA B 210 -15.62 10.08 -10.51
C ALA B 210 -16.73 10.32 -9.49
N VAL B 211 -16.75 9.53 -8.43
CA VAL B 211 -17.78 9.59 -7.41
C VAL B 211 -17.26 10.20 -6.11
N PHE B 212 -16.07 9.78 -5.71
CA PHE B 212 -15.52 10.12 -4.42
C PHE B 212 -14.50 11.21 -4.42
N LEU B 213 -14.67 12.12 -3.46
CA LEU B 213 -13.63 13.06 -3.08
C LEU B 213 -13.26 12.84 -1.60
N PRO B 214 -12.08 12.29 -1.39
CA PRO B 214 -11.59 12.13 -0.06
C PRO B 214 -10.92 13.36 0.54
N VAL B 215 -11.16 13.59 1.82
CA VAL B 215 -10.67 14.71 2.56
C VAL B 215 -10.25 14.15 3.90
N LEU B 216 -8.98 14.23 4.21
CA LEU B 216 -8.47 13.60 5.40
C LEU B 216 -8.12 14.68 6.41
N VAL B 217 -8.55 14.52 7.64
CA VAL B 217 -8.33 15.49 8.62
C VAL B 217 -7.61 14.87 9.77
N GLY B 218 -6.55 15.47 10.26
CA GLY B 218 -5.93 15.00 11.51
C GLY B 218 -4.92 16.04 11.92
N PHE B 219 -3.99 15.70 12.79
CA PHE B 219 -3.17 16.70 13.43
C PHE B 219 -1.69 16.36 13.53
N ASN B 220 -1.22 15.50 12.64
CA ASN B 220 0.23 15.25 12.44
C ASN B 220 0.56 15.58 11.03
N PRO B 221 1.79 16.01 10.77
CA PRO B 221 2.26 16.05 9.38
C PRO B 221 2.24 14.65 8.79
N VAL B 222 1.96 14.57 7.50
CA VAL B 222 2.02 13.35 6.80
C VAL B 222 3.29 12.58 7.11
N SER B 223 4.42 13.25 7.16
CA SER B 223 5.69 12.59 7.49
C SER B 223 5.72 11.78 8.79
N MET B 224 4.74 11.99 9.65
CA MET B 224 4.61 11.24 10.89
C MET B 224 3.33 10.44 10.84
N ALA B 225 2.65 10.36 9.71
CA ALA B 225 1.52 9.43 9.61
C ALA B 225 2.01 8.03 9.91
N ARG B 226 1.12 7.25 10.47
CA ARG B 226 1.38 5.89 10.85
C ARG B 226 1.88 5.16 9.64
N ASN B 227 2.95 4.39 9.83
CA ASN B 227 3.59 3.70 8.69
C ASN B 227 3.86 2.21 8.90
N ASP B 228 3.24 1.62 9.92
CA ASP B 228 3.35 0.21 10.19
C ASP B 228 2.25 -0.50 9.49
N PRO B 229 2.44 -1.79 9.15
CA PRO B 229 1.48 -2.50 8.30
C PRO B 229 0.16 -2.75 8.98
N ILE B 230 -0.89 -2.70 8.16
CA ILE B 230 -2.25 -2.90 8.58
C ILE B 230 -2.68 -4.27 8.20
N GLU B 231 -3.33 -4.94 9.12
CA GLU B 231 -3.45 -6.37 9.02
C GLU B 231 -4.06 -6.82 7.69
N ASP B 232 -5.06 -6.12 7.19
CA ASP B 232 -5.80 -6.59 6.02
C ASP B 232 -5.68 -5.63 4.84
N TRP B 233 -4.58 -4.91 4.75
CA TRP B 233 -4.44 -3.89 3.71
C TRP B 233 -2.93 -3.77 3.41
N SER B 234 -2.57 -3.36 2.19
CA SER B 234 -1.19 -3.44 1.70
C SER B 234 -0.43 -2.12 1.67
N SER B 235 -1.13 -1.00 1.55
CA SER B 235 -0.52 0.31 1.82
C SER B 235 -0.65 0.66 3.30
N THR B 236 0.05 1.69 3.72
CA THR B 236 0.08 2.13 5.15
C THR B 236 -0.54 3.48 5.21
N PHE B 237 -0.84 3.97 6.42
CA PHE B 237 -1.51 5.27 6.52
C PHE B 237 -0.66 6.35 5.82
N ARG B 238 0.65 6.34 6.01
CA ARG B 238 1.58 7.33 5.36
C ARG B 238 1.54 7.41 3.83
N GLN B 239 1.31 6.26 3.20
CA GLN B 239 1.34 6.15 1.73
C GLN B 239 0.05 6.69 1.19
N VAL B 240 -1.03 6.37 1.88
CA VAL B 240 -2.35 6.88 1.48
C VAL B 240 -2.33 8.38 1.63
N ALA B 241 -1.92 8.88 2.77
CA ALA B 241 -1.88 10.35 2.86
C ALA B 241 -0.91 10.96 1.85
N GLU B 242 0.24 10.34 1.60
CA GLU B 242 1.20 10.89 0.63
C GLU B 242 0.53 11.03 -0.70
N ARG B 243 -0.17 9.98 -1.13
CA ARG B 243 -0.85 10.03 -2.43
C ARG B 243 -2.00 11.04 -2.45
N MET B 244 -2.72 11.18 -1.33
CA MET B 244 -3.79 12.20 -1.24
C MET B 244 -3.17 13.62 -1.33
N GLN B 245 -2.02 13.79 -0.71
CA GLN B 245 -1.36 15.09 -0.74
C GLN B 245 -0.90 15.45 -2.17
N LYS B 246 -0.37 14.48 -2.90
CA LYS B 246 -0.06 14.69 -4.35
C LYS B 246 -1.31 15.07 -5.16
N MET B 247 -2.46 14.47 -4.91
CA MET B 247 -3.69 14.78 -5.67
C MET B 247 -4.35 16.14 -5.28
N GLN B 248 -4.08 16.63 -4.07
CA GLN B 248 -4.48 17.94 -3.70
C GLN B 248 -4.17 18.99 -4.74
N GLU B 249 -3.00 18.89 -5.38
CA GLU B 249 -2.60 19.86 -6.45
C GLU B 249 -3.62 19.99 -7.56
N LYS B 250 -4.32 18.91 -7.84
CA LYS B 250 -5.38 18.89 -8.85
C LYS B 250 -6.77 18.94 -8.17
N GLN B 251 -6.81 19.23 -6.87
CA GLN B 251 -8.06 19.30 -6.07
C GLN B 251 -8.98 18.05 -6.09
N LYS B 252 -8.35 16.88 -6.16
CA LYS B 252 -9.04 15.57 -6.22
C LYS B 252 -8.95 14.86 -4.87
N ALA B 253 -8.20 15.45 -3.95
CA ALA B 253 -8.13 15.01 -2.58
C ALA B 253 -7.62 16.16 -1.75
N PHE B 254 -7.88 16.14 -0.45
CA PHE B 254 -7.26 17.08 0.45
C PHE B 254 -6.79 16.46 1.71
N VAL B 255 -5.73 17.04 2.23
CA VAL B 255 -5.23 16.66 3.53
C VAL B 255 -5.21 17.90 4.35
N LEU B 256 -5.93 17.86 5.45
CA LEU B 256 -6.18 19.00 6.26
C LEU B 256 -5.69 18.62 7.64
N ASN B 257 -4.50 19.12 7.93
CA ASN B 257 -3.71 18.61 9.04
C ASN B 257 -2.85 19.64 9.75
N PRO B 258 -3.47 20.64 10.34
CA PRO B 258 -2.67 21.53 11.14
C PRO B 258 -2.10 20.86 12.36
N ALA B 259 -0.98 21.34 12.89
CA ALA B 259 -0.46 20.86 14.14
C ALA B 259 -1.07 21.64 15.29
N ILE B 260 -1.39 20.96 16.37
CA ILE B 260 -2.03 21.64 17.49
C ILE B 260 -1.35 21.40 18.80
N GLY B 261 -0.21 20.72 18.72
CA GLY B 261 0.61 20.47 19.86
C GLY B 261 0.16 19.25 20.64
N PRO B 262 1.07 18.67 21.41
CA PRO B 262 0.71 17.44 22.04
C PRO B 262 -0.41 17.57 23.07
N GLU B 263 -0.87 16.42 23.53
CA GLU B 263 -1.99 16.32 24.43
C GLU B 263 -1.49 16.50 25.83
N GLY B 264 -2.33 17.06 26.69
CA GLY B 264 -1.98 17.29 28.05
C GLY B 264 -1.72 15.98 28.75
N LEU B 265 -2.52 14.98 28.46
CA LEU B 265 -2.21 13.59 28.86
C LEU B 265 -1.76 12.92 27.56
N SER B 266 -0.53 12.42 27.59
CA SER B 266 0.18 12.04 26.39
C SER B 266 -0.67 11.07 25.62
N GLY B 267 -1.02 11.42 24.40
CA GLY B 267 -1.77 10.55 23.56
C GLY B 267 -3.27 10.50 23.80
N SER B 268 -3.81 11.29 24.72
CA SER B 268 -5.25 11.27 24.94
C SER B 268 -5.96 12.13 23.90
N SER B 269 -6.03 11.65 22.67
CA SER B 269 -6.51 12.47 21.57
C SER B 269 -8.05 12.72 21.61
N ARG B 270 -8.73 12.16 22.60
CA ARG B 270 -10.12 12.55 22.83
C ARG B 270 -10.18 14.04 23.21
N MET B 271 -9.06 14.61 23.68
CA MET B 271 -9.06 15.98 24.20
C MET B 271 -8.83 16.99 23.09
N LYS B 272 -7.63 17.52 22.98
CA LYS B 272 -7.40 18.52 21.97
C LYS B 272 -7.86 18.09 20.61
N GLY B 273 -7.55 16.84 20.25
CA GLY B 273 -7.80 16.38 18.88
C GLY B 273 -9.27 16.35 18.55
N GLY B 274 -10.04 15.87 19.50
CA GLY B 274 -11.49 15.95 19.45
C GLY B 274 -12.01 17.38 19.34
N SER B 275 -11.60 18.27 20.24
CA SER B 275 -11.99 19.70 20.14
C SER B 275 -11.59 20.25 18.77
N ALA B 276 -10.33 20.03 18.39
CA ALA B 276 -9.85 20.62 17.13
C ALA B 276 -10.62 20.04 15.95
N THR B 277 -11.01 18.77 16.03
CA THR B 277 -11.87 18.22 14.98
C THR B 277 -13.15 19.04 14.82
N LYS B 278 -13.89 19.27 15.92
CA LYS B 278 -15.10 20.14 15.88
C LYS B 278 -14.78 21.50 15.29
N ILE B 279 -13.74 22.10 15.84
CA ILE B 279 -13.40 23.46 15.47
C ILE B 279 -13.18 23.52 13.99
N LEU B 280 -12.35 22.60 13.49
CA LEU B 280 -11.95 22.62 12.08
C LEU B 280 -13.12 22.43 11.16
N LEU B 281 -13.90 21.38 11.40
CA LEU B 281 -14.98 21.02 10.47
C LEU B 281 -16.30 21.79 10.66
N GLU B 282 -16.64 22.22 11.86
CA GLU B 282 -17.83 23.08 12.04
C GLU B 282 -17.56 24.44 11.40
N THR B 283 -16.35 24.97 11.57
CA THR B 283 -16.00 26.17 10.86
C THR B 283 -16.18 25.97 9.38
N LEU B 284 -15.59 24.90 8.88
CA LEU B 284 -15.46 24.75 7.43
C LEU B 284 -16.81 24.53 6.83
N LEU B 285 -17.63 23.75 7.49
CA LEU B 285 -18.94 23.40 6.93
C LEU B 285 -19.98 24.54 7.17
N LEU B 286 -19.99 25.12 8.37
CA LEU B 286 -20.82 26.27 8.61
C LEU B 286 -20.53 27.35 7.56
N ALA B 287 -19.27 27.50 7.16
CA ALA B 287 -18.99 28.49 6.17
C ALA B 287 -19.47 28.05 4.80
N ALA B 288 -19.46 26.74 4.52
CA ALA B 288 -19.88 26.29 3.19
C ALA B 288 -21.33 26.68 2.99
N HIS B 289 -22.13 26.44 4.02
CA HIS B 289 -23.56 26.70 3.92
C HIS B 289 -23.83 28.23 3.89
N LYS B 290 -23.47 28.93 4.97
CA LYS B 290 -23.54 30.40 5.00
C LYS B 290 -23.20 31.14 3.70
N THR B 291 -22.24 30.66 2.92
CA THR B 291 -21.70 31.47 1.84
C THR B 291 -21.93 30.89 0.49
N VAL B 292 -22.92 30.02 0.34
CA VAL B 292 -23.21 29.49 -0.97
C VAL B 292 -23.48 30.67 -1.91
N ASP B 293 -22.85 30.62 -3.09
CA ASP B 293 -23.02 31.61 -4.14
C ASP B 293 -22.78 33.06 -3.66
N GLN B 294 -21.62 33.26 -3.03
CA GLN B 294 -21.13 34.58 -2.66
C GLN B 294 -19.61 34.78 -2.89
N GLY B 295 -18.97 33.95 -3.68
CA GLY B 295 -17.56 34.13 -4.00
C GLY B 295 -16.64 33.59 -2.91
N ILE B 296 -15.43 33.24 -3.32
CA ILE B 296 -14.42 32.67 -2.42
C ILE B 296 -13.99 33.65 -1.32
N ALA B 297 -13.96 34.95 -1.64
CA ALA B 297 -13.55 35.98 -0.67
C ALA B 297 -14.48 36.02 0.54
N ALA B 298 -15.78 35.88 0.32
CA ALA B 298 -16.73 35.91 1.43
C ALA B 298 -16.48 34.69 2.33
N SER B 299 -16.22 33.54 1.68
CA SER B 299 -15.93 32.27 2.36
C SER B 299 -14.80 32.43 3.39
N GLN B 300 -13.70 33.08 2.99
CA GLN B 300 -12.49 33.15 3.85
C GLN B 300 -12.78 34.00 5.05
N ARG B 301 -13.52 35.09 4.82
CA ARG B 301 -13.82 36.01 5.89
C ARG B 301 -14.68 35.30 6.89
N CYS B 302 -15.64 34.56 6.37
CA CYS B 302 -16.48 33.72 7.19
C CYS B 302 -15.68 32.65 7.95
N LEU B 303 -14.78 31.93 7.26
CA LEU B 303 -13.97 30.89 7.96
C LEU B 303 -13.29 31.50 9.18
N LEU B 304 -12.69 32.66 8.95
CA LEU B 304 -11.95 33.41 9.97
C LEU B 304 -12.84 33.98 11.11
N GLU B 305 -14.00 34.50 10.79
CA GLU B 305 -14.87 34.96 11.87
C GLU B 305 -15.06 33.79 12.85
N ILE B 306 -15.49 32.66 12.32
CA ILE B 306 -15.89 31.52 13.16
C ILE B 306 -14.76 30.99 14.03
N LEU B 307 -13.57 30.88 13.45
CA LEU B 307 -12.44 30.39 14.21
C LEU B 307 -12.15 31.33 15.39
N ARG B 308 -12.17 32.64 15.12
CA ARG B 308 -11.96 33.64 16.19
C ARG B 308 -13.01 33.53 17.28
N THR B 309 -14.26 33.29 16.88
CA THR B 309 -15.25 32.88 17.85
C THR B 309 -14.87 31.62 18.65
N PHE B 310 -14.59 30.51 17.98
CA PHE B 310 -14.19 29.34 18.79
C PHE B 310 -13.01 29.72 19.69
N GLU B 311 -12.14 30.56 19.17
CA GLU B 311 -11.07 30.99 20.04
C GLU B 311 -11.62 31.81 21.24
N ARG B 312 -12.60 32.66 21.03
CA ARG B 312 -13.19 33.41 22.20
C ARG B 312 -13.65 32.40 23.21
N ALA B 313 -14.35 31.37 22.69
CA ALA B 313 -14.95 30.31 23.52
C ALA B 313 -13.96 29.69 24.46
N HIS B 314 -12.73 29.51 24.00
CA HIS B 314 -11.74 29.02 24.90
C HIS B 314 -11.64 29.90 26.12
N GLN B 315 -11.29 31.20 25.97
CA GLN B 315 -11.07 32.01 27.20
C GLN B 315 -12.36 32.22 27.99
N VAL B 316 -13.50 32.26 27.31
CA VAL B 316 -14.77 32.32 28.02
C VAL B 316 -14.86 31.16 28.98
N THR B 317 -14.53 29.99 28.48
CA THR B 317 -14.67 28.78 29.23
C THR B 317 -13.69 28.76 30.40
N TYR B 318 -12.45 29.08 30.13
CA TYR B 318 -11.41 28.95 31.17
C TYR B 318 -11.40 30.16 32.14
N SER B 319 -12.17 31.21 31.86
CA SER B 319 -12.33 32.30 32.83
C SER B 319 -12.95 31.75 34.10
N GLN B 320 -13.78 30.70 33.94
CA GLN B 320 -14.34 29.94 35.05
C GLN B 320 -13.42 28.95 35.77
N SER B 321 -12.11 29.15 35.68
CA SER B 321 -11.18 28.13 36.16
C SER B 321 -11.26 27.78 37.64
N PRO B 322 -11.39 28.78 38.52
CA PRO B 322 -11.54 28.40 39.95
C PRO B 322 -12.75 27.47 40.23
N LYS B 323 -13.87 27.73 39.56
CA LYS B 323 -15.06 26.90 39.75
C LYS B 323 -14.88 25.50 39.14
N ILE B 324 -14.21 25.44 37.98
CA ILE B 324 -13.86 24.18 37.35
C ILE B 324 -12.98 23.30 38.25
N ALA B 325 -11.97 23.86 38.90
CA ALA B 325 -11.13 23.08 39.83
C ALA B 325 -11.83 22.63 41.11
N THR B 326 -12.87 23.35 41.51
CA THR B 326 -13.58 23.02 42.74
C THR B 326 -14.41 21.79 42.42
N LEU B 327 -15.04 21.79 41.26
CA LEU B 327 -15.71 20.62 40.75
C LEU B 327 -14.76 19.40 40.57
N MET B 328 -13.57 19.66 40.02
CA MET B 328 -12.58 18.61 39.81
C MET B 328 -12.26 17.98 41.13
N LYS B 329 -12.03 18.80 42.17
CA LYS B 329 -11.85 18.25 43.55
C LYS B 329 -13.04 17.41 43.99
N SER B 330 -14.26 17.90 43.80
CA SER B 330 -15.41 17.16 44.35
C SER B 330 -15.44 15.78 43.70
N VAL B 331 -15.63 15.76 42.39
CA VAL B 331 -15.57 14.55 41.55
C VAL B 331 -14.44 13.55 41.92
N SER B 332 -13.19 14.01 41.98
CA SER B 332 -12.09 13.19 42.50
C SER B 332 -12.33 12.66 43.93
N THR B 333 -12.69 13.54 44.84
CA THR B 333 -12.94 13.18 46.23
C THR B 333 -13.94 12.01 46.29
N SER B 334 -14.97 12.12 45.47
CA SER B 334 -16.02 11.14 45.38
C SER B 334 -15.56 9.74 44.94
N LEU B 335 -14.81 9.65 43.84
CA LEU B 335 -14.21 8.36 43.38
C LEU B 335 -13.10 7.85 44.29
N GLU B 336 -12.47 8.76 45.01
CA GLU B 336 -11.53 8.34 46.03
C GLU B 336 -12.22 7.43 47.00
N LYS B 337 -13.43 7.83 47.41
CA LYS B 337 -14.23 7.11 48.43
C LYS B 337 -15.06 5.97 47.87
N LYS B 338 -14.76 5.53 46.64
CA LYS B 338 -15.44 4.39 46.00
C LYS B 338 -16.88 4.69 45.68
N GLY B 339 -17.19 5.98 45.56
CA GLY B 339 -18.50 6.43 45.11
C GLY B 339 -18.53 6.64 43.59
N HIS B 340 -19.56 7.35 43.11
CA HIS B 340 -19.81 7.49 41.69
C HIS B 340 -20.07 8.95 41.29
N VAL B 341 -20.24 9.21 40.00
CA VAL B 341 -20.34 10.54 39.46
C VAL B 341 -21.30 10.47 38.31
N TYR B 342 -22.34 11.29 38.41
CA TYR B 342 -23.37 11.31 37.39
C TYR B 342 -23.23 12.68 36.74
N LEU B 343 -23.39 12.70 35.44
CA LEU B 343 -23.33 13.89 34.70
C LEU B 343 -24.64 13.86 34.02
N VAL B 344 -25.54 14.75 34.43
CA VAL B 344 -26.90 14.72 33.96
C VAL B 344 -27.04 15.91 33.11
N GLY B 345 -27.63 15.72 31.93
CA GLY B 345 -27.59 16.74 30.92
C GLY B 345 -28.68 16.70 29.90
N TRP B 346 -28.91 17.86 29.28
CA TRP B 346 -30.03 17.98 28.36
C TRP B 346 -29.53 18.12 26.98
N GLN B 347 -30.31 17.63 26.04
CA GLN B 347 -30.04 17.86 24.66
C GLN B 347 -28.70 17.21 24.27
N THR B 348 -28.21 17.62 23.11
CA THR B 348 -26.84 17.41 22.70
C THR B 348 -25.81 17.44 23.82
N LEU B 349 -25.99 18.28 24.84
CA LEU B 349 -25.00 18.30 25.91
C LEU B 349 -25.07 17.02 26.78
N GLY B 350 -26.25 16.42 26.86
CA GLY B 350 -26.36 15.14 27.50
C GLY B 350 -25.52 14.09 26.77
N ILE B 351 -25.66 14.03 25.44
CA ILE B 351 -24.84 13.15 24.64
C ILE B 351 -23.35 13.31 25.00
N ILE B 352 -22.85 14.53 24.94
CA ILE B 352 -21.48 14.86 25.33
C ILE B 352 -21.06 14.37 26.71
N ALA B 353 -21.98 14.43 27.68
CA ALA B 353 -21.70 13.96 29.04
C ALA B 353 -21.53 12.41 29.03
N ILE B 354 -22.45 11.77 28.34
CA ILE B 354 -22.36 10.33 28.09
C ILE B 354 -20.96 9.99 27.50
N MET B 355 -20.61 10.61 26.38
CA MET B 355 -19.28 10.47 25.81
C MET B 355 -18.13 10.65 26.79
N ASP B 356 -18.07 11.73 27.56
CA ASP B 356 -16.91 11.85 28.46
C ASP B 356 -16.77 10.64 29.37
N GLY B 357 -17.87 10.29 30.02
CA GLY B 357 -17.86 9.17 30.98
C GLY B 357 -17.39 7.83 30.38
N VAL B 358 -17.98 7.46 29.28
CA VAL B 358 -17.67 6.25 28.58
C VAL B 358 -16.15 6.23 28.28
N GLU B 359 -15.62 7.39 27.91
CA GLU B 359 -14.23 7.49 27.54
C GLU B 359 -13.29 7.29 28.72
N CYS B 360 -13.77 7.57 29.93
CA CYS B 360 -12.96 7.28 31.10
C CYS B 360 -12.70 5.77 31.26
N ILE B 361 -13.66 4.95 30.83
CA ILE B 361 -13.56 3.48 30.89
C ILE B 361 -12.18 3.05 30.38
N HIS B 362 -11.90 3.38 29.12
CA HIS B 362 -10.65 2.91 28.50
C HIS B 362 -9.44 3.77 28.76
N THR B 363 -9.67 5.08 28.87
CA THR B 363 -8.62 6.04 29.12
C THR B 363 -8.03 5.91 30.49
N PHE B 364 -8.84 5.65 31.50
CA PHE B 364 -8.31 5.52 32.87
C PHE B 364 -8.58 4.19 33.48
N GLY B 365 -9.25 3.29 32.77
CA GLY B 365 -9.51 1.97 33.35
C GLY B 365 -10.62 2.06 34.37
N ALA B 366 -11.57 2.96 34.16
CA ALA B 366 -12.59 3.24 35.16
C ALA B 366 -13.73 2.32 34.94
N ASP B 367 -14.39 1.92 36.01
CA ASP B 367 -15.67 1.22 35.84
C ASP B 367 -16.64 2.20 35.19
N PHE B 368 -17.52 1.65 34.38
CA PHE B 368 -18.51 2.39 33.66
C PHE B 368 -19.33 3.38 34.52
N ARG B 369 -19.50 3.06 35.80
CA ARG B 369 -20.32 3.89 36.69
C ARG B 369 -19.51 4.92 37.43
N ASP B 370 -18.19 4.84 37.35
CA ASP B 370 -17.34 5.82 38.01
C ASP B 370 -17.67 7.27 37.55
N VAL B 371 -17.80 7.48 36.23
CA VAL B 371 -18.20 8.78 35.69
C VAL B 371 -19.16 8.48 34.58
N ARG B 372 -20.44 8.53 34.93
CA ARG B 372 -21.47 8.12 34.01
C ARG B 372 -22.33 9.31 33.55
N GLY B 373 -22.73 9.29 32.29
CA GLY B 373 -23.44 10.41 31.69
C GLY B 373 -24.86 10.01 31.41
N PHE B 374 -25.78 10.97 31.52
CA PHE B 374 -27.22 10.75 31.29
C PHE B 374 -27.81 11.87 30.45
N LEU B 375 -28.65 11.47 29.50
CA LEU B 375 -29.45 12.39 28.71
C LEU B 375 -30.90 12.35 29.23
N ILE B 376 -31.42 13.49 29.67
CA ILE B 376 -32.84 13.63 30.08
C ILE B 376 -33.71 14.09 28.90
N GLY B 377 -34.55 13.22 28.36
CA GLY B 377 -35.33 13.52 27.13
C GLY B 377 -36.29 12.39 26.74
N GLN B 392 -29.08 1.18 24.08
CA GLN B 392 -28.51 -0.17 24.13
C GLN B 392 -27.28 -0.24 25.05
N GLY B 393 -27.12 -1.40 25.70
CA GLY B 393 -26.04 -1.66 26.64
C GLY B 393 -26.57 -1.23 27.99
N PRO B 394 -25.76 -0.54 28.79
CA PRO B 394 -26.43 0.18 29.85
C PRO B 394 -27.28 1.31 29.25
N GLN B 395 -28.30 1.75 29.99
CA GLN B 395 -29.23 2.77 29.52
C GLN B 395 -28.63 4.17 29.70
N PHE B 396 -28.83 5.00 28.67
CA PHE B 396 -28.28 6.34 28.63
C PHE B 396 -29.34 7.46 28.44
N THR B 397 -30.42 7.19 27.68
CA THR B 397 -31.55 8.13 27.51
C THR B 397 -32.66 7.83 28.56
N PHE B 398 -32.77 8.66 29.59
CA PHE B 398 -33.76 8.49 30.68
C PHE B 398 -34.76 9.66 30.72
N SER B 399 -36.05 9.42 30.49
CA SER B 399 -37.09 10.45 30.87
C SER B 399 -37.02 10.85 32.37
N GLN B 400 -37.54 12.03 32.73
CA GLN B 400 -37.55 12.52 34.17
C GLN B 400 -37.93 11.50 35.20
N GLU B 401 -39.06 10.84 34.94
CA GLU B 401 -39.62 9.87 35.89
C GLU B 401 -38.82 8.57 35.83
N ASP B 402 -38.41 8.15 34.63
CA ASP B 402 -37.59 6.95 34.49
C ASP B 402 -36.31 7.18 35.24
N PHE B 403 -35.79 8.40 35.19
CA PHE B 403 -34.60 8.76 35.95
C PHE B 403 -34.82 8.75 37.46
N LEU B 404 -35.89 9.42 37.91
CA LEU B 404 -36.20 9.49 39.36
C LEU B 404 -36.61 8.13 39.93
N THR B 405 -37.40 7.39 39.18
CA THR B 405 -37.74 6.01 39.54
C THR B 405 -36.44 5.24 39.64
N SER B 406 -35.76 5.09 38.49
CA SER B 406 -34.77 4.04 38.29
C SER B 406 -33.38 4.32 38.89
N ILE B 407 -32.95 5.59 38.92
CA ILE B 407 -31.55 5.92 39.25
C ILE B 407 -31.42 6.67 40.54
N LEU B 408 -32.34 7.57 40.79
CA LEU B 408 -32.28 8.35 42.03
C LEU B 408 -31.99 7.51 43.31
N PRO B 409 -32.61 6.31 43.44
CA PRO B 409 -32.39 5.51 44.68
C PRO B 409 -30.95 5.02 44.96
N SER B 410 -30.19 4.79 43.91
CA SER B 410 -28.82 4.28 44.07
C SER B 410 -27.85 5.31 44.65
N LEU B 411 -28.27 6.56 44.77
CA LEU B 411 -27.35 7.61 45.18
C LEU B 411 -26.94 7.52 46.66
N THR B 412 -26.00 8.36 47.06
CA THR B 412 -25.36 8.33 48.38
C THR B 412 -24.81 9.76 48.55
N GLU B 413 -24.42 10.17 49.77
CA GLU B 413 -23.97 11.56 50.01
C GLU B 413 -22.45 11.76 49.91
N ILE B 414 -21.77 10.73 49.40
CA ILE B 414 -20.40 10.90 48.90
C ILE B 414 -20.37 11.07 47.38
N ASP B 415 -21.49 10.76 46.70
CA ASP B 415 -21.65 10.90 45.24
C ASP B 415 -21.68 12.35 44.78
N THR B 416 -21.25 12.57 43.52
CA THR B 416 -21.26 13.88 42.88
C THR B 416 -22.14 13.90 41.63
N VAL B 417 -23.00 14.91 41.53
CA VAL B 417 -23.94 15.05 40.40
C VAL B 417 -23.78 16.41 39.76
N VAL B 418 -23.70 16.42 38.44
CA VAL B 418 -23.40 17.64 37.68
C VAL B 418 -24.50 17.78 36.67
N PHE B 419 -25.14 18.96 36.67
CA PHE B 419 -26.23 19.19 35.73
C PHE B 419 -25.73 20.11 34.67
N ILE B 420 -26.11 19.80 33.44
CA ILE B 420 -25.54 20.47 32.31
C ILE B 420 -26.66 20.85 31.41
N PHE B 421 -26.84 22.16 31.22
CA PHE B 421 -28.06 22.68 30.59
C PHE B 421 -27.91 24.14 30.20
N THR B 422 -28.80 24.53 29.30
CA THR B 422 -28.96 25.90 28.87
C THR B 422 -30.29 26.46 29.40
N LEU B 423 -30.33 27.78 29.60
CA LEU B 423 -31.59 28.43 29.97
C LEU B 423 -32.68 28.26 28.87
N ASP B 424 -32.30 27.89 27.65
CA ASP B 424 -33.29 27.57 26.59
C ASP B 424 -33.92 26.15 26.66
N ASP B 425 -33.53 25.37 27.66
CA ASP B 425 -34.13 24.06 27.87
C ASP B 425 -35.41 24.19 28.69
N ASN B 426 -36.04 23.04 28.90
CA ASN B 426 -37.05 22.80 29.91
C ASN B 426 -36.56 22.93 31.37
N LEU B 427 -36.64 24.12 31.98
CA LEU B 427 -36.14 24.31 33.38
C LEU B 427 -37.06 23.83 34.53
N THR B 428 -38.30 23.48 34.22
CA THR B 428 -39.17 22.78 35.18
C THR B 428 -38.46 21.47 35.57
N GLU B 429 -38.44 20.56 34.59
CA GLU B 429 -37.65 19.31 34.58
C GLU B 429 -36.29 19.43 35.30
N VAL B 430 -35.54 20.50 35.03
CA VAL B 430 -34.26 20.63 35.71
C VAL B 430 -34.55 20.69 37.19
N GLN B 431 -35.27 21.74 37.60
CA GLN B 431 -35.65 21.95 39.01
C GLN B 431 -36.17 20.69 39.66
N THR B 432 -37.24 20.13 39.11
CA THR B 432 -37.80 18.87 39.59
C THR B 432 -36.66 17.95 40.04
N ILE B 433 -35.82 17.58 39.06
CA ILE B 433 -34.80 16.52 39.19
C ILE B 433 -33.72 16.87 40.19
N VAL B 434 -33.28 18.12 40.16
CA VAL B 434 -32.31 18.61 41.15
C VAL B 434 -32.88 18.51 42.56
N GLU B 435 -34.18 18.79 42.69
CA GLU B 435 -34.83 18.87 43.99
C GLU B 435 -34.68 17.53 44.66
N GLN B 436 -35.19 16.50 43.97
CA GLN B 436 -35.15 15.16 44.53
C GLN B 436 -33.69 14.67 44.74
N VAL B 437 -32.82 14.80 43.73
CA VAL B 437 -31.35 14.47 43.86
C VAL B 437 -30.67 15.13 45.08
N LYS B 438 -30.97 16.41 45.25
CA LYS B 438 -30.31 17.23 46.28
C LYS B 438 -30.46 16.64 47.69
N GLU B 439 -31.51 15.89 47.93
CA GLU B 439 -31.75 15.30 49.24
C GLU B 439 -30.75 14.21 49.59
N LYS B 440 -30.43 13.40 48.59
CA LYS B 440 -29.51 12.27 48.74
C LYS B 440 -28.04 12.72 48.86
N THR B 441 -27.68 13.82 48.21
CA THR B 441 -26.30 14.30 48.27
C THR B 441 -26.18 15.82 48.23
N ASN B 442 -25.24 16.34 49.02
CA ASN B 442 -24.87 17.77 48.96
C ASN B 442 -23.98 18.12 47.80
N HIS B 443 -23.16 17.17 47.36
CA HIS B 443 -22.16 17.41 46.33
C HIS B 443 -22.77 17.47 44.93
N ILE B 444 -23.55 18.52 44.67
CA ILE B 444 -23.95 18.85 43.32
C ILE B 444 -23.23 20.13 42.95
N GLN B 445 -23.38 20.53 41.70
CA GLN B 445 -22.60 21.64 41.12
C GLN B 445 -23.22 21.67 39.71
N ALA B 446 -23.13 22.79 38.99
CA ALA B 446 -23.83 22.79 37.69
C ALA B 446 -23.17 23.69 36.70
N LEU B 447 -23.59 23.55 35.45
CA LEU B 447 -22.91 24.15 34.33
C LEU B 447 -23.94 24.64 33.38
N ALA B 448 -24.13 25.96 33.38
CA ALA B 448 -25.30 26.54 32.73
C ALA B 448 -24.91 27.55 31.67
N HIS B 449 -25.37 27.29 30.44
CA HIS B 449 -25.14 28.18 29.34
C HIS B 449 -26.35 29.10 29.08
N SER B 450 -26.06 30.40 28.92
CA SER B 450 -27.09 31.41 28.61
C SER B 450 -26.58 32.44 27.61
N THR B 451 -27.49 33.03 26.86
CA THR B 451 -27.23 34.28 26.12
C THR B 451 -27.22 35.41 27.18
N VAL B 452 -26.43 36.46 27.01
CA VAL B 452 -26.29 37.50 28.08
C VAL B 452 -27.64 38.18 28.36
N GLY B 453 -27.98 38.26 29.65
CA GLY B 453 -29.29 38.73 30.10
C GLY B 453 -30.46 37.76 29.97
N GLN B 454 -30.21 36.48 30.22
CA GLN B 454 -31.27 35.57 30.63
C GLN B 454 -30.88 35.50 32.11
N THR B 455 -31.78 35.12 33.04
CA THR B 455 -31.44 35.40 34.47
C THR B 455 -31.23 34.21 35.40
N LEU B 456 -32.07 33.17 35.26
CA LEU B 456 -31.96 31.92 36.03
C LEU B 456 -33.02 31.85 37.15
N PRO B 457 -34.17 31.17 36.92
CA PRO B 457 -35.19 31.07 37.96
C PRO B 457 -34.65 30.75 39.36
N ILE B 458 -35.15 31.47 40.37
CA ILE B 458 -34.57 31.54 41.75
C ILE B 458 -34.64 30.25 42.57
N PRO B 459 -35.65 29.38 42.33
CA PRO B 459 -35.48 27.99 42.77
C PRO B 459 -34.09 27.40 42.46
N LEU B 460 -33.51 27.74 41.30
CA LEU B 460 -32.23 27.18 40.90
C LEU B 460 -30.99 27.78 41.55
N LYS B 461 -30.81 29.11 41.55
CA LYS B 461 -29.59 29.63 42.20
C LYS B 461 -29.68 29.46 43.72
N LYS B 462 -30.89 29.18 44.20
CA LYS B 462 -31.08 28.72 45.57
C LYS B 462 -30.41 27.35 45.66
N LEU B 463 -30.73 26.47 44.73
CA LEU B 463 -30.06 25.15 44.65
C LEU B 463 -28.53 25.17 44.34
N PHE B 464 -28.03 26.10 43.51
CA PHE B 464 -26.59 26.14 43.16
C PHE B 464 -25.94 27.46 43.53
N PRO B 465 -25.43 27.59 44.76
CA PRO B 465 -24.82 28.88 45.17
C PRO B 465 -23.51 29.24 44.45
N SER B 466 -22.80 28.25 43.91
CA SER B 466 -21.57 28.48 43.14
C SER B 466 -21.73 27.96 41.73
N ILE B 467 -22.87 28.24 41.12
CA ILE B 467 -23.19 27.73 39.80
C ILE B 467 -22.14 28.19 38.79
N ILE B 468 -21.70 27.27 37.93
CA ILE B 468 -20.71 27.56 36.91
C ILE B 468 -21.43 28.17 35.75
N SER B 469 -21.68 29.46 35.87
CA SER B 469 -22.47 30.13 34.86
C SER B 469 -21.55 30.44 33.68
N ILE B 470 -21.93 29.98 32.48
CA ILE B 470 -21.24 30.40 31.26
C ILE B 470 -22.21 31.22 30.49
N THR B 471 -21.89 32.50 30.36
CA THR B 471 -22.76 33.48 29.75
C THR B 471 -22.17 33.92 28.39
N TRP B 472 -22.96 33.81 27.32
CA TRP B 472 -22.49 34.06 25.93
C TRP B 472 -22.99 35.38 25.34
N PRO B 473 -22.09 36.28 24.92
CA PRO B 473 -22.49 37.43 24.11
C PRO B 473 -23.51 37.10 23.01
N LEU B 474 -24.43 38.03 22.74
CA LEU B 474 -25.31 37.94 21.57
C LEU B 474 -24.42 38.20 20.37
N LEU B 475 -24.86 37.74 19.20
CA LEU B 475 -23.98 37.52 18.06
C LEU B 475 -24.93 37.15 16.96
N PHE B 476 -24.93 37.92 15.88
CA PHE B 476 -25.88 37.69 14.81
C PHE B 476 -25.71 36.25 14.29
N PHE B 477 -26.81 35.64 13.85
CA PHE B 477 -26.77 34.34 13.21
C PHE B 477 -27.68 34.28 11.97
N GLU B 478 -27.18 33.63 10.91
CA GLU B 478 -27.96 33.47 9.70
C GLU B 478 -29.15 32.57 10.02
N TYR B 479 -28.90 31.36 10.50
CA TYR B 479 -29.94 30.34 10.58
C TYR B 479 -30.59 30.17 11.95
N GLU B 480 -31.90 29.84 11.91
CA GLU B 480 -32.79 29.80 13.09
C GLU B 480 -32.33 28.84 14.20
N GLY B 481 -31.70 27.74 13.80
CA GLY B 481 -31.10 26.83 14.78
C GLY B 481 -30.00 27.42 15.66
N ASN B 482 -29.50 28.62 15.31
CA ASN B 482 -28.38 29.27 16.02
C ASN B 482 -27.23 28.27 16.27
N PHE B 483 -26.68 27.81 15.16
CA PHE B 483 -25.84 26.64 15.12
C PHE B 483 -24.49 27.01 15.69
N ILE B 484 -24.08 28.24 15.40
CA ILE B 484 -22.87 28.81 15.92
C ILE B 484 -22.99 28.83 17.42
N GLN B 485 -24.20 28.99 17.93
CA GLN B 485 -24.37 29.06 19.36
C GLN B 485 -24.28 27.66 19.97
N LYS B 486 -24.86 26.72 19.26
CA LYS B 486 -24.82 25.31 19.65
C LYS B 486 -23.36 24.88 19.77
N PHE B 487 -22.62 25.17 18.70
CA PHE B 487 -21.24 24.70 18.58
C PHE B 487 -20.36 25.18 19.70
N GLN B 488 -20.43 26.47 19.98
CA GLN B 488 -19.74 27.02 21.15
C GLN B 488 -20.06 26.33 22.44
N ARG B 489 -21.32 25.99 22.60
CA ARG B 489 -21.81 25.47 23.87
C ARG B 489 -21.32 24.02 24.03
N GLU B 490 -21.46 23.26 22.96
CA GLU B 490 -20.95 21.91 22.91
C GLU B 490 -19.46 21.93 23.22
N LEU B 491 -18.78 22.90 22.62
CA LEU B 491 -17.33 22.89 22.74
C LEU B 491 -16.89 23.19 24.15
N SER B 492 -17.50 24.23 24.74
CA SER B 492 -17.18 24.66 26.10
C SER B 492 -17.45 23.56 27.09
N THR B 493 -18.53 22.82 26.82
CA THR B 493 -18.94 21.72 27.68
C THR B 493 -17.88 20.60 27.62
N LYS B 494 -17.56 20.23 26.39
CA LYS B 494 -16.50 19.26 26.15
C LYS B 494 -15.25 19.61 26.91
N TRP B 495 -14.84 20.86 26.79
CA TRP B 495 -13.62 21.28 27.45
C TRP B 495 -13.74 21.07 28.94
N VAL B 496 -14.92 21.35 29.49
CA VAL B 496 -15.07 21.34 30.97
C VAL B 496 -15.06 19.92 31.53
N LEU B 497 -15.93 19.08 31.00
CA LEU B 497 -15.94 17.64 31.30
C LEU B 497 -14.58 17.01 31.05
N ASN B 498 -14.00 17.20 29.86
CA ASN B 498 -12.67 16.60 29.60
C ASN B 498 -11.69 16.96 30.72
N THR B 499 -11.57 18.26 31.00
CA THR B 499 -10.64 18.71 32.02
C THR B 499 -10.99 18.10 33.35
N VAL B 500 -12.29 18.03 33.66
CA VAL B 500 -12.73 17.57 35.00
C VAL B 500 -12.41 16.07 35.22
N SER B 501 -12.91 15.23 34.32
CA SER B 501 -12.65 13.77 34.40
C SER B 501 -11.18 13.52 34.43
N THR B 502 -10.48 14.10 33.46
CA THR B 502 -9.06 13.89 33.34
C THR B 502 -8.37 14.34 34.61
N GLY B 503 -8.74 15.52 35.09
CA GLY B 503 -8.06 16.06 36.27
C GLY B 503 -8.35 15.21 37.50
N ALA B 504 -9.59 14.74 37.62
CA ALA B 504 -9.95 14.00 38.81
C ALA B 504 -9.08 12.73 38.94
N HIS B 505 -8.96 11.97 37.85
CA HIS B 505 -8.10 10.77 37.87
C HIS B 505 -6.63 11.01 38.13
N VAL B 506 -6.13 12.16 37.74
CA VAL B 506 -4.76 12.53 38.03
C VAL B 506 -4.56 12.81 39.50
N LEU B 507 -5.54 13.44 40.13
CA LEU B 507 -5.40 13.76 41.56
C LEU B 507 -5.33 12.47 42.38
N LEU B 508 -5.99 11.42 41.88
CA LEU B 508 -5.91 10.09 42.47
C LEU B 508 -4.55 9.44 42.33
N GLY B 509 -3.70 9.93 41.43
CA GLY B 509 -2.34 9.42 41.26
C GLY B 509 -2.33 8.26 40.27
N LYS B 510 -3.29 8.28 39.33
CA LYS B 510 -3.47 7.25 38.30
C LYS B 510 -2.57 7.42 37.05
N ILE B 511 -1.82 8.50 36.97
CA ILE B 511 -1.13 8.96 35.78
C ILE B 511 0.30 9.18 36.24
N LEU B 512 1.23 8.90 35.36
CA LEU B 512 2.64 8.87 35.72
C LEU B 512 3.32 9.95 34.94
N GLN B 513 3.62 11.05 35.62
CA GLN B 513 4.05 12.25 34.97
C GLN B 513 2.93 12.78 34.07
N ASN B 514 2.96 12.50 32.77
CA ASN B 514 1.82 12.80 31.89
C ASN B 514 1.52 11.63 30.98
N HIS B 515 1.83 10.43 31.44
CA HIS B 515 1.50 9.23 30.69
C HIS B 515 0.52 8.39 31.51
N MET B 516 -0.38 7.74 30.81
CA MET B 516 -1.18 6.69 31.41
C MET B 516 -0.46 5.38 31.10
N LEU B 517 0.31 4.93 32.06
CA LEU B 517 1.08 3.70 31.94
C LEU B 517 0.17 2.47 31.88
N ASP B 518 -0.79 2.39 32.79
CA ASP B 518 -1.62 1.21 32.92
C ASP B 518 -2.81 1.13 31.99
N LEU B 519 -2.63 1.40 30.70
CA LEU B 519 -3.74 1.25 29.79
C LEU B 519 -4.01 -0.20 29.41
N ARG B 520 -5.27 -0.44 29.08
CA ARG B 520 -5.67 -1.68 28.51
C ARG B 520 -5.23 -1.63 27.07
N ILE B 521 -4.44 -2.62 26.65
CA ILE B 521 -4.07 -2.75 25.23
C ILE B 521 -5.24 -3.26 24.43
N SER B 522 -5.98 -2.37 23.77
CA SER B 522 -7.21 -2.82 23.07
C SER B 522 -7.19 -2.65 21.55
N ASN B 523 -6.09 -2.09 21.02
CA ASN B 523 -5.88 -2.09 19.58
C ASN B 523 -4.39 -1.89 19.23
N SER B 524 -4.05 -1.85 17.94
CA SER B 524 -2.63 -1.82 17.59
C SER B 524 -1.91 -0.60 18.12
N LYS B 525 -2.54 0.55 17.98
CA LYS B 525 -1.93 1.78 18.44
C LYS B 525 -1.67 1.74 19.93
N LEU B 526 -2.56 1.17 20.74
CA LEU B 526 -2.28 1.08 22.19
C LEU B 526 -1.16 0.10 22.45
N PHE B 527 -1.02 -0.90 21.57
CA PHE B 527 0.12 -1.79 21.59
C PHE B 527 1.40 -1.00 21.35
N TRP B 528 1.46 -0.21 20.28
CA TRP B 528 2.67 0.57 20.05
C TRP B 528 3.00 1.51 21.17
N ARG B 529 1.98 2.01 21.88
CA ARG B 529 2.17 3.02 22.93
C ARG B 529 2.71 2.37 24.17
N ALA B 530 2.22 1.20 24.48
CA ALA B 530 2.77 0.41 25.56
C ALA B 530 4.26 0.19 25.27
N LEU B 531 4.56 -0.33 24.09
CA LEU B 531 5.95 -0.57 23.77
C LEU B 531 6.77 0.67 23.98
N ALA B 532 6.33 1.79 23.40
CA ALA B 532 7.11 3.01 23.60
C ALA B 532 7.28 3.40 25.09
N MET B 533 6.29 3.08 25.90
CA MET B 533 6.34 3.46 27.31
C MET B 533 7.27 2.53 28.08
N LEU B 534 7.36 1.28 27.64
CA LEU B 534 8.39 0.38 28.20
C LEU B 534 9.79 0.87 27.96
N GLN B 535 10.04 1.36 26.76
CA GLN B 535 11.29 1.98 26.44
C GLN B 535 11.53 3.27 27.25
N ARG B 536 10.59 4.21 27.24
CA ARG B 536 10.90 5.48 27.90
C ARG B 536 11.17 5.26 29.39
N PHE B 537 10.38 4.42 30.05
CA PHE B 537 10.51 4.29 31.51
C PHE B 537 11.60 3.30 31.94
N SER B 538 11.92 2.29 31.11
CA SER B 538 12.96 1.32 31.50
C SER B 538 14.31 1.77 30.99
N GLY B 539 14.31 2.37 29.81
CA GLY B 539 15.54 2.82 29.18
C GLY B 539 16.29 1.68 28.53
N GLN B 540 15.69 0.49 28.55
CA GLN B 540 16.32 -0.70 28.04
C GLN B 540 15.98 -0.90 26.57
N SER B 541 16.55 -1.93 25.97
CA SER B 541 16.55 -2.02 24.54
C SER B 541 15.17 -2.40 24.05
N LYS B 542 15.04 -2.28 22.75
CA LYS B 542 13.85 -2.58 22.05
C LYS B 542 13.50 -4.02 22.30
N ALA B 543 14.42 -4.91 22.00
CA ALA B 543 14.14 -6.34 22.09
C ALA B 543 13.72 -6.76 23.51
N ARG B 544 14.37 -6.19 24.51
CA ARG B 544 14.00 -6.51 25.89
C ARG B 544 12.62 -5.95 26.23
N CYS B 545 12.36 -4.70 25.87
CA CYS B 545 11.04 -4.18 26.02
C CYS B 545 10.01 -5.04 25.29
N ILE B 546 10.28 -5.45 24.06
CA ILE B 546 9.28 -6.27 23.35
C ILE B 546 9.07 -7.57 24.07
N GLU B 547 10.15 -8.23 24.46
CA GLU B 547 9.99 -9.55 25.06
C GLU B 547 9.22 -9.51 26.39
N SER B 548 9.45 -8.46 27.17
CA SER B 548 8.75 -8.36 28.44
C SER B 548 7.25 -8.13 28.16
N LEU B 549 6.95 -7.24 27.23
CA LEU B 549 5.58 -7.03 26.80
C LEU B 549 4.94 -8.32 26.38
N LEU B 550 5.50 -9.00 25.39
CA LEU B 550 4.83 -10.23 24.91
C LEU B 550 4.71 -11.31 25.98
N ARG B 551 5.64 -11.36 26.91
CA ARG B 551 5.55 -12.36 28.00
C ARG B 551 4.47 -11.99 28.98
N ALA B 552 4.41 -10.69 29.32
CA ALA B 552 3.41 -10.20 30.25
C ALA B 552 2.00 -10.51 29.70
N ILE B 553 1.85 -10.35 28.39
CA ILE B 553 0.59 -10.57 27.71
C ILE B 553 0.17 -12.00 27.71
N HIS B 554 1.05 -12.85 27.19
CA HIS B 554 0.65 -14.22 26.94
C HIS B 554 0.77 -15.15 28.13
N PHE B 555 1.45 -14.71 29.18
CA PHE B 555 1.54 -15.49 30.45
C PHE B 555 0.24 -16.17 30.83
N PRO B 556 0.28 -17.42 31.30
CA PRO B 556 1.37 -18.40 31.50
C PRO B 556 1.96 -19.03 30.25
N GLN B 557 1.56 -18.62 29.05
CA GLN B 557 2.17 -19.20 27.87
C GLN B 557 3.54 -18.60 27.68
N PRO B 558 4.52 -19.44 27.29
CA PRO B 558 5.86 -18.94 27.00
C PRO B 558 5.93 -18.41 25.61
N LEU B 559 6.85 -17.49 25.41
CA LEU B 559 7.20 -16.95 24.11
C LEU B 559 7.65 -17.99 23.08
N SER B 560 6.74 -18.52 22.28
CA SER B 560 7.15 -19.38 21.17
C SER B 560 7.56 -18.57 19.96
N ASP B 561 7.97 -19.24 18.91
CA ASP B 561 8.34 -18.56 17.66
C ASP B 561 7.10 -18.03 16.96
N ASP B 562 6.02 -18.78 17.06
CA ASP B 562 4.78 -18.42 16.41
C ASP B 562 4.17 -17.19 17.07
N ILE B 563 4.40 -17.06 18.38
CA ILE B 563 3.94 -15.91 19.11
C ILE B 563 4.80 -14.72 18.68
N ARG B 564 6.11 -14.84 18.71
CA ARG B 564 6.96 -13.71 18.28
C ARG B 564 6.60 -13.13 16.92
N ALA B 565 6.13 -13.97 16.00
CA ALA B 565 5.97 -13.60 14.58
C ALA B 565 4.50 -13.36 14.22
N ALA B 566 3.66 -13.42 15.25
CA ALA B 566 2.23 -13.31 15.07
C ALA B 566 1.85 -11.87 14.77
N PRO B 567 0.74 -11.66 14.07
CA PRO B 567 0.29 -10.30 13.84
C PRO B 567 -0.27 -9.67 15.13
N ILE B 568 -0.04 -8.38 15.29
CA ILE B 568 -0.34 -7.62 16.52
C ILE B 568 -1.73 -7.85 17.10
N SER B 569 -2.75 -8.01 16.24
CA SER B 569 -4.09 -8.43 16.70
C SER B 569 -4.09 -9.61 17.65
N CYS B 570 -3.21 -10.58 17.34
CA CYS B 570 -3.00 -11.69 18.22
C CYS B 570 -2.65 -11.15 19.63
N HIS B 571 -1.65 -10.32 19.74
CA HIS B 571 -1.32 -9.81 21.09
C HIS B 571 -2.49 -8.98 21.70
N VAL B 572 -3.13 -8.17 20.87
CA VAL B 572 -4.25 -7.34 21.30
C VAL B 572 -5.41 -8.20 21.83
N GLN B 573 -5.85 -9.19 21.07
CA GLN B 573 -6.96 -10.03 21.50
C GLN B 573 -6.68 -10.57 22.91
N VAL B 574 -5.44 -11.00 23.18
CA VAL B 574 -5.11 -11.61 24.48
C VAL B 574 -4.95 -10.54 25.54
N ALA B 575 -4.21 -9.48 25.21
CA ALA B 575 -3.98 -8.38 26.16
C ALA B 575 -5.26 -7.68 26.57
N HIS B 576 -6.23 -7.66 25.69
CA HIS B 576 -7.48 -7.00 26.00
C HIS B 576 -8.19 -7.54 27.24
N GLU B 577 -7.98 -8.81 27.53
CA GLU B 577 -8.66 -9.47 28.62
C GLU B 577 -7.93 -9.34 29.96
N LYS B 578 -6.77 -8.68 30.02
CA LYS B 578 -5.94 -8.83 31.23
C LYS B 578 -5.76 -7.56 32.04
N GLU B 579 -5.31 -7.74 33.26
CA GLU B 579 -5.11 -6.61 34.12
C GLU B 579 -3.62 -6.36 34.37
N GLN B 580 -3.23 -5.09 34.23
CA GLN B 580 -1.95 -4.59 34.63
C GLN B 580 -0.81 -5.03 33.73
N VAL B 581 -1.15 -5.45 32.51
CA VAL B 581 -0.15 -5.87 31.58
C VAL B 581 1.09 -4.97 31.52
N ILE B 582 0.90 -3.66 31.44
CA ILE B 582 2.06 -2.85 31.19
C ILE B 582 2.87 -2.74 32.46
N PRO B 583 2.19 -2.59 33.59
CA PRO B 583 3.02 -2.50 34.81
C PRO B 583 3.79 -3.78 35.19
N ILE B 584 3.25 -4.96 34.88
CA ILE B 584 3.98 -6.19 35.11
C ILE B 584 5.16 -6.24 34.12
N ALA B 585 4.88 -6.02 32.85
CA ALA B 585 5.94 -5.85 31.85
C ALA B 585 7.02 -4.88 32.29
N LEU B 586 6.68 -3.78 32.95
CA LEU B 586 7.74 -2.84 33.35
C LEU B 586 8.53 -3.37 34.53
N LEU B 587 7.83 -3.97 35.47
CA LEU B 587 8.52 -4.49 36.65
C LEU B 587 9.50 -5.61 36.26
N SER B 588 9.11 -6.49 35.35
CA SER B 588 10.04 -7.51 34.82
C SER B 588 11.34 -6.92 34.31
N LEU B 589 11.23 -5.81 33.60
CA LEU B 589 12.35 -5.11 33.05
C LEU B 589 13.18 -4.45 34.13
N LEU B 590 12.54 -3.64 34.96
CA LEU B 590 13.29 -2.86 35.94
C LEU B 590 14.02 -3.80 36.89
N PHE B 591 13.32 -4.78 37.45
CA PHE B 591 13.92 -5.77 38.32
C PHE B 591 14.73 -6.89 37.61
N ARG B 592 14.86 -6.84 36.29
CA ARG B 592 15.49 -7.94 35.58
C ARG B 592 15.00 -9.29 36.08
N CYS B 593 13.69 -9.49 36.13
CA CYS B 593 13.13 -10.70 36.74
C CYS B 593 12.11 -11.31 35.82
N SER B 594 11.47 -12.40 36.22
CA SER B 594 10.42 -13.04 35.39
C SER B 594 9.03 -12.48 35.65
N ILE B 595 8.11 -12.76 34.73
CA ILE B 595 6.73 -12.42 34.94
C ILE B 595 6.24 -12.95 36.28
N THR B 596 6.44 -14.25 36.52
CA THR B 596 6.05 -14.89 37.79
C THR B 596 6.53 -14.04 38.99
N GLU B 597 7.73 -13.48 38.90
CA GLU B 597 8.31 -12.74 40.00
C GLU B 597 7.73 -11.30 40.10
N ALA B 598 7.32 -10.78 38.96
CA ALA B 598 6.85 -9.42 38.85
C ALA B 598 5.39 -9.37 39.30
N GLN B 599 4.65 -10.46 39.07
CA GLN B 599 3.29 -10.54 39.54
C GLN B 599 3.27 -10.57 41.04
N ALA B 600 4.04 -11.50 41.59
CA ALA B 600 4.16 -11.66 43.02
C ALA B 600 4.60 -10.36 43.73
N HIS B 601 5.50 -9.62 43.10
CA HIS B 601 5.92 -8.35 43.66
C HIS B 601 4.74 -7.38 43.62
N LEU B 602 4.05 -7.33 42.49
CA LEU B 602 2.96 -6.39 42.31
C LEU B 602 1.94 -6.67 43.39
N ALA B 603 1.52 -7.92 43.45
CA ALA B 603 0.47 -8.38 44.37
C ALA B 603 0.78 -8.11 45.85
N ALA B 604 2.03 -7.84 46.19
CA ALA B 604 2.44 -7.64 47.58
C ALA B 604 2.65 -6.15 47.90
N ALA B 605 2.65 -5.29 46.89
CA ALA B 605 2.80 -3.86 47.10
C ALA B 605 1.44 -3.23 47.50
N PRO B 606 1.48 -2.05 48.16
CA PRO B 606 0.21 -1.45 48.60
C PRO B 606 -0.73 -1.13 47.41
N SER B 607 -0.19 -0.47 46.39
CA SER B 607 -0.98 -0.24 45.17
C SER B 607 -0.13 -0.48 43.95
N VAL B 608 -0.82 -0.61 42.83
CA VAL B 608 -0.13 -0.62 41.56
C VAL B 608 0.78 0.57 41.39
N CYS B 609 0.25 1.78 41.63
CA CYS B 609 0.99 3.02 41.38
C CYS B 609 2.23 3.15 42.27
N GLU B 610 2.13 2.66 43.49
CA GLU B 610 3.25 2.71 44.39
C GLU B 610 4.32 1.68 44.00
N ALA B 611 3.88 0.49 43.57
CA ALA B 611 4.83 -0.54 43.13
C ALA B 611 5.65 -0.01 41.96
N VAL B 612 4.99 0.63 41.00
CA VAL B 612 5.66 1.23 39.84
C VAL B 612 6.59 2.37 40.24
N ARG B 613 6.07 3.32 41.02
CA ARG B 613 6.87 4.47 41.45
C ARG B 613 8.12 4.06 42.24
N SER B 614 7.94 3.17 43.21
CA SER B 614 9.04 2.69 44.07
C SER B 614 10.09 1.95 43.28
N ALA B 615 9.67 1.22 42.26
CA ALA B 615 10.63 0.52 41.39
C ALA B 615 11.33 1.51 40.45
N LEU B 616 10.70 2.63 40.14
CA LEU B 616 11.39 3.63 39.33
C LEU B 616 12.50 4.38 40.06
N ALA B 617 12.49 4.41 41.39
CA ALA B 617 13.49 5.16 42.17
C ALA B 617 14.40 4.26 43.02
N1 2EU C . 15.33 -1.25 -10.77
C4 2EU C . 23.92 -4.05 -13.10
C5 2EU C . 16.16 -1.92 -9.75
C6 2EU C . 15.62 -1.88 -12.06
C7 2EU C . 22.05 -2.42 -12.55
C8 2EU C . 19.38 -2.10 -11.71
C10 2EU C . 17.68 -1.69 -9.94
C13 2EU C . 12.80 -5.20 -11.19
C15 2EU C . 21.03 -2.52 -13.47
C17 2EU C . 19.71 -2.35 -13.04
C9 2EU C . 13.04 -3.94 -11.54
C12 2EU C . 12.80 -5.54 -9.87
S2 2EU C . 13.19 -4.10 -9.07
C2 2EU C . 13.31 -3.19 -10.48
S1 2EU C . 13.69 -1.49 -10.47
O1 2EU C . 13.28 -0.97 -9.13
O2 2EU C . 12.87 -0.95 -11.61
C11 2EU C . 17.08 -1.84 -12.43
N2 2EU C . 18.05 -1.94 -11.32
C16 2EU C . 20.42 -2.03 -10.82
C14 2EU C . 21.74 -2.20 -11.24
C1 2EU C . 23.50 -2.57 -12.96
C3 2EU C . 23.79 -1.82 -14.23
F2 2EU C . 25.10 -1.80 -14.36
F3 2EU C . 23.26 -2.47 -15.20
F1 2EU C . 23.30 -0.57 -14.21
F5 2EU C . 23.12 -4.74 -13.94
F6 2EU C . 23.99 -4.65 -11.94
F4 2EU C . 25.14 -4.02 -13.54
O3 2EU C . 24.33 -1.92 -12.02
C1 S6P D . 12.05 -8.40 -21.38
C2 S6P D . 10.85 -7.83 -22.13
C3 S6P D . 9.84 -7.14 -21.26
C4 S6P D . 9.30 -7.94 -20.09
C5 S6P D . 8.23 -7.08 -19.44
C6 S6P D . 7.68 -7.65 -18.10
O1 S6P D . 13.16 -8.45 -22.33
O2 S6P D . 11.39 -6.78 -22.87
O3 S6P D . 8.74 -6.68 -22.09
O4 S6P D . 8.76 -9.12 -20.58
O5 S6P D . 8.90 -5.84 -19.15
O6 S6P D . 8.73 -7.99 -17.23
P S6P D . 8.29 -8.63 -15.93
O1P S6P D . 9.63 -8.52 -15.01
O2P S6P D . 8.09 -10.16 -16.33
O3P S6P D . 7.10 -8.07 -15.25
I IOD E . 0.43 -35.18 -22.24
I IOD F . 26.37 1.99 -27.00
I IOD G . 21.37 -16.44 -8.41
I IOD H . 31.44 -14.34 -35.81
I IOD I . 7.31 -36.36 -18.99
I IOD J . 3.69 1.73 -25.57
I IOD K . 9.50 14.72 -4.73
I IOD L . -9.46 -3.47 -4.92
I IOD M . 30.41 9.16 -6.11
I IOD N . 4.92 5.77 -23.02
I IOD O . 29.52 -10.15 -39.19
C1 GOL P . 19.53 12.48 -4.88
O1 GOL P . 19.40 13.30 -6.05
C2 GOL P . 18.15 12.65 -4.27
O2 GOL P . 17.34 12.80 -5.43
C3 GOL P . 17.73 11.57 -3.28
O3 GOL P . 16.47 10.99 -3.61
N1 2EU Q . 2.93 4.70 17.55
C4 2EU Q . 6.49 9.87 24.57
C5 2EU Q . 3.96 5.70 17.26
C6 2EU Q . 2.13 5.25 18.64
C7 2EU Q . 6.03 7.78 23.23
C8 2EU Q . 4.78 6.75 20.89
C10 2EU Q . 4.91 5.93 18.47
C13 2EU Q . -0.04 7.74 15.61
C15 2EU Q . 4.64 7.70 23.15
C17 2EU Q . 4.04 7.17 21.99
C9 2EU Q . 0.14 6.61 16.28
C12 2EU Q . 0.77 8.06 14.56
S2 2EU Q . 1.83 6.74 14.48
C2 2EU Q . 1.17 5.93 15.79
S1 2EU Q . 1.77 4.38 16.35
O1 2EU Q . 2.18 3.66 15.14
O2 2EU Q . 0.61 3.69 17.03
C11 2EU Q . 2.91 5.43 19.92
N2 2EU Q . 4.18 6.16 19.73
C16 2EU Q . 6.15 6.85 21.00
C14 2EU Q . 6.77 7.36 22.14
C1 2EU Q . 6.74 8.35 24.44
C3 2EU Q . 6.41 7.61 25.70
F2 2EU Q . 7.33 7.91 26.60
F3 2EU Q . 5.20 7.99 26.10
F1 2EU Q . 6.47 6.28 25.53
F5 2EU Q . 5.26 10.11 24.95
F6 2EU Q . 6.77 10.54 23.45
F4 2EU Q . 7.29 10.31 25.49
O3 2EU Q . 8.07 8.16 24.24
C1 S6P R . -8.25 8.96 22.36
C2 S6P R . -9.42 7.99 22.30
C3 S6P R . -9.40 7.07 21.12
C4 S6P R . -9.31 7.75 19.79
C5 S6P R . -9.47 6.74 18.68
C6 S6P R . -9.11 7.31 17.27
O1 S6P R . -8.11 9.39 23.71
O2 S6P R . -9.40 7.18 23.51
O3 S6P R . -10.61 6.40 21.16
O4 S6P R . -10.30 8.76 19.66
O5 S6P R . -8.50 5.77 18.98
O6 S6P R . -7.88 8.08 17.25
P S6P R . -7.65 8.76 15.90
O1P S6P R . -7.87 7.88 14.72
O2P S6P R . -6.17 9.27 15.93
O3P S6P R . -8.67 10.01 15.81
I IOD S . -25.79 30.15 12.54
I IOD T . 1.09 3.26 37.29
I IOD U . 3.80 21.33 17.84
I IOD V . -19.18 33.94 13.79
I IOD W . -6.02 19.17 45.26
I IOD X . -13.69 -3.73 21.22
I IOD Y . 19.55 -2.63 28.08
I IOD Z . 7.90 -11.89 11.16
I IOD AA . -26.44 31.27 35.29
I IOD BA . -10.74 -0.29 -2.98
I IOD CA . 19.51 0.36 24.84
I IOD DA . -30.69 15.52 21.05
S SO4 EA . -8.35 14.51 46.18
O1 SO4 EA . -8.95 14.17 47.50
O2 SO4 EA . -8.61 15.93 45.84
O3 SO4 EA . -8.94 13.59 45.16
O4 SO4 EA . -6.87 14.34 46.24
S SO4 FA . -1.34 16.25 44.88
O1 SO4 FA . -1.85 17.63 44.68
O2 SO4 FA . -1.72 15.88 46.28
O3 SO4 FA . -1.86 15.29 43.87
O4 SO4 FA . 0.14 16.18 44.76
#